data_7N0C
#
_entry.id   7N0C
#
_cell.length_a   1.00
_cell.length_b   1.00
_cell.length_c   1.00
_cell.angle_alpha   90.00
_cell.angle_beta   90.00
_cell.angle_gamma   90.00
#
_symmetry.space_group_name_H-M   'P 1'
#
loop_
_entity.id
_entity.type
_entity.pdbx_description
1 polymer 'Non-structural protein 10'
2 polymer 'Proofreading exoribonuclease'
3 polymer 'RNA (25-MER)'
4 polymer 'RNA (24-MER)'
5 non-polymer 'ZINC ION'
6 non-polymer 'MAGNESIUM ION'
7 water water
#
loop_
_entity_poly.entity_id
_entity_poly.type
_entity_poly.pdbx_seq_one_letter_code
_entity_poly.pdbx_strand_id
1 'polypeptide(L)'
;AGNATEVPANSTVLSFCAFAVDAAKAYKDYLASGGQPITNCVKMLCTHTGTGQAITVTPEANMDQESFGGASCCLYCRCH
IDHPNPKGFCDLKGKYVQIPTTCANDPVGFTLKNTVCTVCGMWKGYGCSCDQLREPMLQ
;
A
2 'polypeptide(L)'
;AENVTGLFKDCSKVITGLHPTQAPTHLSVDTKFKTEGLCVDIPGIPKDMTYRRLISMMGFKMNYQVNGYPNMFITREEAI
RHVRAWIGFDVEGCHATREAVGTNLPLQLGFSTGVNLVAVPTGYVDTPNNTDFSRVSAKPPPGDQFKHLIPLMYKGLPWN
VVRIKIVQMLSDTLKNLSDRVVFVLWAHGFALTSMKYFVKIGPERTCCLCDRRATCFSTASDTYACWHHSIGFDYVYNPF
MIDVQQWGFTGNLQSNHDLYCQVHGNAHVASCDAIMTRCLAVHECFVKRVDWTIEYPIIGDELKINAACRKVQHMVVKAA
LLADKFPVLHDIGNPKAIKCVPQADVEWKFYDAQPCSDKAYKIEELFYSYATHSDKFTDGVCLFWNCNVDRYPANSIVCR
FDTRVLSNLNLPGCDGGSLYVNKHAFHTPAFDKSAFVNLKQLPFFYYSDSPCESHGKQVVSDIDYVPLKSATCITRCNLG
GAVCRHHANEYRLYLDAYNMMISAGFSLWVYKQFDTYNLWNTFTRLQ
;
B
3 'polyribonucleotide' GGGAUGUGAUUUUAAUAGCUUCUUAGGAGAAUGACUU T
4 'polyribonucleotide' CGGUCAUUCUCCUAAGAAGCUAUUAAAAUCACC D
#
loop_
_chem_comp.id
_chem_comp.type
_chem_comp.name
_chem_comp.formula
A RNA linking ADENOSINE-5'-MONOPHOSPHATE 'C10 H14 N5 O7 P'
C RNA linking CYTIDINE-5'-MONOPHOSPHATE 'C9 H14 N3 O8 P'
G RNA linking GUANOSINE-5'-MONOPHOSPHATE 'C10 H14 N5 O8 P'
MG non-polymer 'MAGNESIUM ION' 'Mg 2'
U RNA linking URIDINE-5'-MONOPHOSPHATE 'C9 H13 N2 O9 P'
ZN non-polymer 'ZINC ION' 'Zn 2'
#
# COMPACT_ATOMS: atom_id res chain seq x y z
N ALA A 1 8.56 -9.61 -29.37
CA ALA A 1 7.76 -10.82 -29.28
C ALA A 1 6.30 -10.49 -29.05
N GLY A 2 5.43 -11.09 -29.83
CA GLY A 2 4.03 -10.74 -29.68
C GLY A 2 3.58 -9.74 -30.72
N ASN A 3 2.28 -9.75 -31.00
CA ASN A 3 1.68 -8.92 -32.02
C ASN A 3 0.69 -7.98 -31.34
N ALA A 4 1.02 -6.69 -31.30
CA ALA A 4 0.32 -5.73 -30.47
C ALA A 4 -1.15 -5.61 -30.87
N THR A 5 -2.00 -5.44 -29.87
CA THR A 5 -3.44 -5.38 -30.07
C THR A 5 -4.07 -4.03 -29.73
N GLU A 6 -3.54 -3.27 -28.77
CA GLU A 6 -4.22 -2.08 -28.29
C GLU A 6 -3.47 -0.81 -28.71
N VAL A 7 -4.15 0.32 -28.56
CA VAL A 7 -3.61 1.64 -28.86
C VAL A 7 -3.52 2.42 -27.56
N PRO A 8 -2.62 3.39 -27.43
CA PRO A 8 -2.52 4.16 -26.17
C PRO A 8 -3.70 5.07 -25.90
N ALA A 9 -4.62 5.19 -26.84
CA ALA A 9 -5.86 5.91 -26.55
C ALA A 9 -6.78 5.06 -25.66
N ASN A 10 -6.66 3.74 -25.76
CA ASN A 10 -7.52 2.86 -24.99
C ASN A 10 -6.93 2.53 -23.62
N SER A 11 -5.61 2.63 -23.46
CA SER A 11 -4.95 2.07 -22.29
C SER A 11 -5.28 2.83 -21.01
N THR A 12 -6.12 3.85 -21.07
CA THR A 12 -6.62 4.45 -19.84
C THR A 12 -7.95 3.84 -19.43
N VAL A 13 -8.84 3.60 -20.39
CA VAL A 13 -10.19 3.11 -20.10
C VAL A 13 -10.19 1.61 -19.97
N LEU A 14 -9.33 0.92 -20.72
CA LEU A 14 -9.27 -0.52 -20.62
C LEU A 14 -8.68 -0.96 -19.29
N SER A 15 -7.53 -0.40 -18.92
CA SER A 15 -6.92 -0.69 -17.63
C SER A 15 -7.90 -0.47 -16.49
N PHE A 16 -8.52 0.71 -16.45
CA PHE A 16 -9.50 1.01 -15.41
C PHE A 16 -10.67 0.04 -15.44
N CYS A 17 -11.02 -0.48 -16.61
CA CYS A 17 -12.12 -1.44 -16.67
C CYS A 17 -11.66 -2.88 -16.48
N ALA A 18 -10.35 -3.15 -16.55
CA ALA A 18 -9.86 -4.49 -16.26
C ALA A 18 -10.05 -4.80 -14.77
N PHE A 19 -9.70 -3.86 -13.91
CA PHE A 19 -10.01 -3.92 -12.49
C PHE A 19 -11.36 -3.26 -12.26
N ALA A 20 -12.41 -4.07 -12.13
CA ALA A 20 -13.69 -3.53 -11.70
C ALA A 20 -14.57 -4.67 -11.22
N VAL A 21 -15.30 -4.44 -10.13
CA VAL A 21 -16.20 -5.46 -9.62
C VAL A 21 -17.41 -5.60 -10.52
N ASP A 22 -17.75 -4.53 -11.23
CA ASP A 22 -18.86 -4.50 -12.18
C ASP A 22 -18.32 -3.77 -13.39
N ALA A 23 -18.14 -4.47 -14.50
CA ALA A 23 -17.44 -3.88 -15.62
C ALA A 23 -18.31 -2.96 -16.45
N ALA A 24 -19.61 -3.20 -16.53
CA ALA A 24 -20.49 -2.34 -17.33
C ALA A 24 -20.67 -0.98 -16.66
N LYS A 25 -20.92 -0.98 -15.36
CA LYS A 25 -21.17 0.27 -14.65
C LYS A 25 -19.93 1.15 -14.66
N ALA A 26 -18.76 0.57 -14.46
CA ALA A 26 -17.54 1.35 -14.47
C ALA A 26 -17.26 1.96 -15.82
N TYR A 27 -17.62 1.29 -16.90
CA TYR A 27 -17.47 1.91 -18.20
C TYR A 27 -18.48 3.02 -18.43
N LYS A 28 -19.73 2.84 -17.98
CA LYS A 28 -20.69 3.94 -18.10
C LYS A 28 -20.23 5.17 -17.32
N ASP A 29 -19.68 4.95 -16.12
CA ASP A 29 -19.21 6.09 -15.32
C ASP A 29 -17.94 6.70 -15.91
N TYR A 30 -17.11 5.91 -16.61
CA TYR A 30 -16.00 6.52 -17.32
C TYR A 30 -16.51 7.37 -18.46
N LEU A 31 -17.57 6.92 -19.12
CA LEU A 31 -18.11 7.69 -20.24
C LEU A 31 -18.73 9.00 -19.78
N ALA A 32 -19.41 8.97 -18.64
CA ALA A 32 -20.06 10.19 -18.14
C ALA A 32 -19.04 11.26 -17.79
N SER A 33 -18.04 10.92 -16.97
CA SER A 33 -17.08 11.89 -16.48
C SER A 33 -15.91 12.01 -17.44
N GLY A 34 -16.04 12.90 -18.41
CA GLY A 34 -14.98 13.27 -19.33
C GLY A 34 -14.25 12.10 -19.98
N GLY A 35 -15.00 11.19 -20.58
CA GLY A 35 -14.38 10.01 -21.11
C GLY A 35 -14.59 9.81 -22.59
N GLN A 36 -13.52 9.52 -23.30
CA GLN A 36 -13.54 9.20 -24.72
C GLN A 36 -13.84 7.72 -24.91
N PRO A 37 -14.69 7.38 -25.88
CA PRO A 37 -15.04 5.97 -26.09
C PRO A 37 -13.84 5.14 -26.52
N ILE A 38 -14.02 3.81 -26.48
CA ILE A 38 -12.97 2.91 -26.89
C ILE A 38 -12.83 2.95 -28.40
N THR A 39 -11.68 3.43 -28.88
CA THR A 39 -11.37 3.52 -30.28
C THR A 39 -10.90 2.16 -30.78
N ASN A 40 -10.54 2.06 -32.05
CA ASN A 40 -9.90 0.91 -32.67
C ASN A 40 -10.80 -0.31 -32.77
N CYS A 41 -12.12 -0.11 -32.77
CA CYS A 41 -13.03 -1.22 -32.96
C CYS A 41 -12.84 -1.81 -34.37
N VAL A 42 -13.27 -3.05 -34.53
CA VAL A 42 -13.20 -3.68 -35.85
C VAL A 42 -14.48 -3.37 -36.61
N LYS A 43 -14.33 -2.88 -37.84
CA LYS A 43 -15.46 -2.39 -38.62
C LYS A 43 -15.54 -3.12 -39.96
N MET A 44 -16.75 -3.33 -40.44
CA MET A 44 -16.98 -4.09 -41.66
C MET A 44 -17.36 -3.18 -42.82
N LEU A 45 -16.66 -3.36 -43.94
CA LEU A 45 -17.06 -2.75 -45.21
C LEU A 45 -18.08 -3.69 -45.82
N CYS A 46 -19.32 -3.57 -45.36
CA CYS A 46 -20.39 -4.41 -45.85
C CYS A 46 -20.98 -3.81 -47.12
N THR A 47 -21.84 -4.58 -47.77
CA THR A 47 -22.61 -4.02 -48.88
C THR A 47 -23.60 -2.97 -48.41
N HIS A 48 -23.88 -2.93 -47.10
CA HIS A 48 -24.65 -1.89 -46.43
C HIS A 48 -26.10 -1.87 -46.89
N THR A 49 -26.50 -2.90 -47.65
CA THR A 49 -27.89 -3.14 -48.05
C THR A 49 -28.25 -4.53 -47.54
N GLY A 50 -28.99 -4.58 -46.43
CA GLY A 50 -29.41 -5.84 -45.87
C GLY A 50 -30.43 -5.60 -44.78
N THR A 51 -31.19 -6.64 -44.47
CA THR A 51 -32.19 -6.51 -43.42
C THR A 51 -31.50 -6.36 -42.08
N GLY A 52 -32.05 -5.51 -41.23
CA GLY A 52 -31.43 -5.24 -39.96
C GLY A 52 -31.75 -6.29 -38.93
N GLN A 53 -30.69 -6.78 -38.29
CA GLN A 53 -30.83 -7.60 -37.10
C GLN A 53 -29.62 -7.34 -36.22
N ALA A 54 -29.81 -7.55 -34.93
CA ALA A 54 -28.74 -7.29 -33.97
C ALA A 54 -27.56 -8.22 -34.21
N ILE A 55 -27.79 -9.52 -34.12
CA ILE A 55 -26.74 -10.52 -34.13
C ILE A 55 -26.98 -11.48 -35.27
N THR A 56 -26.02 -11.54 -36.20
CA THR A 56 -26.11 -12.42 -37.36
C THR A 56 -24.74 -13.01 -37.65
N VAL A 57 -24.74 -14.08 -38.45
CA VAL A 57 -23.49 -14.77 -38.77
C VAL A 57 -22.73 -14.03 -39.87
N THR A 58 -23.44 -13.45 -40.83
CA THR A 58 -22.85 -12.57 -41.82
C THR A 58 -23.42 -11.17 -41.60
N PRO A 59 -22.64 -10.12 -41.86
CA PRO A 59 -23.13 -8.77 -41.56
C PRO A 59 -24.30 -8.41 -42.48
N GLU A 60 -25.45 -8.19 -41.87
CA GLU A 60 -26.65 -7.74 -42.57
C GLU A 60 -26.96 -6.36 -42.02
N ALA A 61 -26.55 -5.33 -42.75
CA ALA A 61 -26.63 -3.96 -42.29
C ALA A 61 -27.73 -3.21 -43.03
N ASN A 62 -28.55 -2.49 -42.25
CA ASN A 62 -29.57 -1.62 -42.79
C ASN A 62 -28.89 -0.33 -43.28
N MET A 63 -29.65 0.53 -43.96
CA MET A 63 -29.08 1.79 -44.44
C MET A 63 -28.76 2.74 -43.29
N ASP A 64 -29.31 2.50 -42.11
CA ASP A 64 -29.06 3.32 -40.93
C ASP A 64 -28.17 2.62 -39.90
N GLN A 65 -27.41 1.60 -40.31
CA GLN A 65 -26.70 0.75 -39.37
C GLN A 65 -25.29 0.48 -39.87
N GLU A 66 -24.31 0.60 -38.98
CA GLU A 66 -22.94 0.23 -39.24
C GLU A 66 -22.70 -1.12 -38.59
N SER A 67 -22.16 -2.07 -39.35
CA SER A 67 -21.97 -3.43 -38.85
C SER A 67 -20.53 -3.58 -38.38
N PHE A 68 -20.35 -3.80 -37.09
CA PHE A 68 -19.04 -4.02 -36.54
C PHE A 68 -18.82 -5.51 -36.25
N GLY A 69 -17.55 -5.88 -36.13
CA GLY A 69 -17.21 -7.22 -35.72
C GLY A 69 -17.54 -7.44 -34.25
N GLY A 70 -18.21 -8.55 -33.98
CA GLY A 70 -18.88 -8.70 -32.71
C GLY A 70 -17.99 -8.93 -31.52
N ALA A 71 -16.68 -8.95 -31.70
CA ALA A 71 -15.78 -9.08 -30.57
C ALA A 71 -15.32 -7.74 -30.05
N SER A 72 -15.53 -6.65 -30.80
CA SER A 72 -15.19 -5.32 -30.33
C SER A 72 -16.42 -4.51 -29.99
N CYS A 73 -17.58 -5.14 -29.84
CA CYS A 73 -18.73 -4.47 -29.30
C CYS A 73 -19.13 -5.09 -27.97
N CYS A 74 -18.25 -5.87 -27.37
CA CYS A 74 -18.46 -6.53 -26.11
C CYS A 74 -17.37 -6.04 -25.18
N LEU A 75 -17.70 -5.29 -24.13
CA LEU A 75 -16.67 -4.74 -23.26
C LEU A 75 -15.85 -5.84 -22.61
N TYR A 76 -16.45 -6.99 -22.28
CA TYR A 76 -15.76 -8.07 -21.56
C TYR A 76 -14.76 -8.81 -22.47
N CYS A 77 -15.10 -9.07 -23.73
CA CYS A 77 -14.14 -9.56 -24.75
C CYS A 77 -13.03 -8.56 -25.04
N ARG A 78 -13.27 -7.29 -24.71
CA ARG A 78 -12.41 -6.20 -25.10
C ARG A 78 -11.49 -5.77 -23.97
N CYS A 79 -11.85 -6.08 -22.73
CA CYS A 79 -11.02 -5.88 -21.55
C CYS A 79 -10.40 -7.18 -21.07
N HIS A 80 -10.73 -8.29 -21.72
CA HIS A 80 -10.28 -9.63 -21.34
C HIS A 80 -10.57 -9.91 -19.86
N ILE A 81 -11.84 -9.88 -19.51
CA ILE A 81 -12.34 -10.39 -18.24
C ILE A 81 -13.49 -11.34 -18.55
N ASP A 82 -14.08 -11.91 -17.50
CA ASP A 82 -15.09 -12.93 -17.66
C ASP A 82 -16.46 -12.31 -17.82
N HIS A 83 -17.20 -12.78 -18.83
CA HIS A 83 -18.54 -12.31 -19.13
C HIS A 83 -19.49 -12.59 -17.97
N PRO A 84 -20.47 -11.73 -17.69
CA PRO A 84 -21.42 -11.99 -16.60
C PRO A 84 -22.54 -12.92 -17.02
N ASN A 85 -22.54 -13.29 -18.29
CA ASN A 85 -23.48 -14.26 -18.79
C ASN A 85 -23.26 -15.60 -18.09
N PRO A 86 -24.32 -16.30 -17.69
CA PRO A 86 -24.13 -17.67 -17.17
C PRO A 86 -23.56 -18.58 -18.23
N LYS A 87 -22.80 -19.59 -17.77
CA LYS A 87 -21.96 -20.49 -18.56
C LYS A 87 -20.79 -19.70 -19.14
N GLY A 88 -20.65 -18.44 -18.72
CA GLY A 88 -19.48 -17.63 -19.03
C GLY A 88 -19.09 -17.52 -20.48
N PHE A 89 -20.05 -17.67 -21.40
CA PHE A 89 -19.76 -17.65 -22.82
C PHE A 89 -20.28 -16.37 -23.44
N CYS A 90 -19.50 -15.74 -24.30
CA CYS A 90 -19.98 -14.56 -25.01
C CYS A 90 -20.98 -14.90 -26.12
N ASP A 91 -22.05 -14.11 -26.24
CA ASP A 91 -23.03 -14.25 -27.33
C ASP A 91 -22.62 -13.46 -28.59
N LEU A 92 -21.91 -12.35 -28.44
CA LEU A 92 -21.50 -11.47 -29.55
C LEU A 92 -20.22 -11.96 -30.27
N LYS A 93 -19.30 -12.64 -29.58
CA LYS A 93 -18.04 -13.16 -30.14
C LYS A 93 -18.33 -14.26 -31.15
N GLY A 94 -18.00 -14.03 -32.43
CA GLY A 94 -18.25 -14.96 -33.51
C GLY A 94 -19.33 -14.52 -34.47
N LYS A 95 -20.19 -13.59 -34.07
CA LYS A 95 -21.23 -13.05 -34.91
C LYS A 95 -20.95 -11.56 -35.10
N TYR A 96 -21.70 -10.93 -36.00
CA TYR A 96 -21.48 -9.53 -36.34
C TYR A 96 -22.53 -8.67 -35.67
N VAL A 97 -22.09 -7.65 -34.93
CA VAL A 97 -23.02 -6.74 -34.28
C VAL A 97 -23.43 -5.65 -35.26
N GLN A 98 -24.68 -5.21 -35.20
CA GLN A 98 -25.15 -4.08 -35.99
C GLN A 98 -25.51 -2.95 -35.05
N ILE A 99 -24.77 -1.85 -35.14
CA ILE A 99 -24.96 -0.69 -34.28
C ILE A 99 -25.57 0.42 -35.13
N PRO A 100 -26.67 1.06 -34.70
CA PRO A 100 -27.22 2.19 -35.44
C PRO A 100 -26.20 3.30 -35.63
N THR A 101 -26.13 3.87 -36.84
CA THR A 101 -25.02 4.76 -37.18
C THR A 101 -25.11 6.09 -36.44
N THR A 102 -26.27 6.41 -35.86
CA THR A 102 -26.38 7.63 -35.07
C THR A 102 -25.65 7.50 -33.75
N CYS A 103 -25.48 6.27 -33.26
CA CYS A 103 -24.78 6.02 -32.01
C CYS A 103 -23.60 5.08 -32.23
N ALA A 104 -23.03 5.08 -33.42
CA ALA A 104 -21.94 4.17 -33.76
C ALA A 104 -20.57 4.82 -33.70
N ASN A 105 -20.46 5.97 -33.03
CA ASN A 105 -19.14 6.48 -32.69
C ASN A 105 -18.59 5.74 -31.48
N ASP A 106 -19.48 5.11 -30.70
CA ASP A 106 -19.14 4.38 -29.49
C ASP A 106 -19.89 3.06 -29.58
N PRO A 107 -19.31 2.05 -30.23
CA PRO A 107 -20.01 0.76 -30.32
C PRO A 107 -20.09 0.05 -28.98
N VAL A 108 -18.99 0.02 -28.23
CA VAL A 108 -18.91 -0.69 -26.97
C VAL A 108 -19.93 -0.21 -25.95
N GLY A 109 -20.30 1.06 -26.00
CA GLY A 109 -21.25 1.59 -25.06
C GLY A 109 -22.67 1.41 -25.51
N PHE A 110 -22.87 0.84 -26.70
CA PHE A 110 -24.23 0.59 -27.12
C PHE A 110 -24.72 -0.77 -26.66
N THR A 111 -23.86 -1.79 -26.72
CA THR A 111 -24.30 -3.13 -26.36
C THR A 111 -24.38 -3.30 -24.85
N LEU A 112 -23.85 -2.35 -24.08
CA LEU A 112 -23.98 -2.41 -22.64
C LEU A 112 -25.36 -1.97 -22.18
N LYS A 113 -25.90 -0.91 -22.79
CA LYS A 113 -27.18 -0.35 -22.40
C LYS A 113 -28.36 -0.98 -23.12
N ASN A 114 -28.20 -1.32 -24.40
CA ASN A 114 -29.31 -1.80 -25.19
C ASN A 114 -29.47 -3.31 -25.07
N THR A 115 -30.55 -3.82 -25.65
CA THR A 115 -30.87 -5.22 -25.57
C THR A 115 -31.42 -5.69 -26.92
N VAL A 116 -31.47 -7.01 -27.09
CA VAL A 116 -31.92 -7.62 -28.33
C VAL A 116 -33.32 -8.17 -28.12
N CYS A 117 -34.27 -7.81 -28.98
CA CYS A 117 -35.63 -8.35 -28.93
C CYS A 117 -35.61 -9.83 -29.26
N THR A 118 -36.18 -10.65 -28.39
CA THR A 118 -36.10 -12.10 -28.53
C THR A 118 -36.97 -12.63 -29.65
N VAL A 119 -38.05 -11.93 -30.04
CA VAL A 119 -39.07 -12.46 -30.98
C VAL A 119 -38.91 -11.97 -32.42
N CYS A 120 -38.12 -10.92 -32.67
CA CYS A 120 -37.89 -10.37 -34.01
C CYS A 120 -36.43 -9.98 -34.32
N GLY A 121 -35.48 -10.24 -33.42
CA GLY A 121 -34.03 -10.09 -33.67
C GLY A 121 -33.51 -8.66 -33.84
N MET A 122 -34.33 -7.64 -33.65
CA MET A 122 -33.95 -6.22 -33.71
C MET A 122 -33.50 -5.68 -32.33
N TRP A 123 -32.79 -4.55 -32.35
CA TRP A 123 -32.47 -3.79 -31.14
C TRP A 123 -33.75 -3.22 -30.57
N LYS A 124 -34.09 -3.63 -29.35
CA LYS A 124 -35.34 -3.20 -28.73
C LYS A 124 -35.36 -1.68 -28.55
N GLY A 125 -36.41 -1.06 -29.07
CA GLY A 125 -36.53 0.38 -29.06
C GLY A 125 -35.82 1.07 -30.21
N TYR A 126 -34.94 0.37 -30.92
CA TYR A 126 -34.20 0.94 -32.04
C TYR A 126 -34.62 0.31 -33.37
N GLY A 127 -35.91 0.02 -33.50
CA GLY A 127 -36.42 -0.58 -34.73
C GLY A 127 -37.20 -1.84 -34.51
N CYS A 128 -37.26 -2.36 -33.28
CA CYS A 128 -38.22 -3.41 -32.91
C CYS A 128 -39.66 -2.86 -33.04
N SER A 129 -40.47 -3.48 -33.90
CA SER A 129 -41.80 -2.99 -34.27
C SER A 129 -42.88 -3.98 -33.82
N CYS A 130 -43.13 -4.01 -32.50
CA CYS A 130 -44.02 -4.98 -31.84
C CYS A 130 -45.27 -4.34 -31.19
N ASP A 131 -45.68 -3.15 -31.63
CA ASP A 131 -46.92 -2.50 -31.20
C ASP A 131 -48.14 -3.33 -31.55
N ALA B 1 5.11 0.47 -34.09
CA ALA B 1 4.98 1.39 -32.97
C ALA B 1 4.07 2.55 -33.32
N GLU B 2 3.25 2.38 -34.36
CA GLU B 2 2.37 3.45 -34.82
C GLU B 2 1.11 3.42 -33.97
N ASN B 3 1.12 4.22 -32.91
CA ASN B 3 0.01 4.33 -31.95
C ASN B 3 -0.44 2.97 -31.44
N VAL B 4 0.52 2.21 -30.93
CA VAL B 4 0.23 0.93 -30.28
C VAL B 4 0.82 0.93 -28.88
N THR B 5 0.39 -0.04 -28.08
CA THR B 5 0.88 -0.20 -26.72
C THR B 5 1.09 -1.67 -26.44
N GLY B 6 1.93 -1.95 -25.44
CA GLY B 6 2.22 -3.33 -25.06
C GLY B 6 1.13 -4.01 -24.27
N LEU B 7 0.06 -3.29 -23.95
CA LEU B 7 -1.02 -3.86 -23.17
C LEU B 7 -1.86 -4.79 -24.03
N PHE B 8 -2.29 -5.90 -23.42
CA PHE B 8 -3.10 -6.92 -24.09
C PHE B 8 -2.45 -7.43 -25.37
N LYS B 9 -1.12 -7.41 -25.39
CA LYS B 9 -0.35 -7.80 -26.57
C LYS B 9 -0.42 -9.31 -26.72
N ASP B 10 -1.08 -9.76 -27.78
CA ASP B 10 -1.21 -11.18 -28.07
C ASP B 10 0.16 -11.84 -28.14
N CYS B 11 0.39 -12.81 -27.25
CA CYS B 11 1.69 -13.46 -27.16
C CYS B 11 1.68 -14.89 -27.68
N SER B 12 0.77 -15.22 -28.60
CA SER B 12 0.82 -16.57 -29.14
C SER B 12 1.85 -16.65 -30.25
N LYS B 13 2.14 -17.87 -30.68
CA LYS B 13 3.10 -18.11 -31.75
C LYS B 13 2.46 -18.68 -33.00
N VAL B 14 1.13 -18.61 -33.12
CA VAL B 14 0.49 -18.97 -34.38
C VAL B 14 0.81 -17.91 -35.43
N ILE B 15 1.12 -18.35 -36.64
CA ILE B 15 1.53 -17.43 -37.69
C ILE B 15 0.36 -16.58 -38.16
N THR B 16 -0.84 -17.15 -38.18
CA THR B 16 -2.00 -16.42 -38.66
C THR B 16 -2.53 -15.47 -37.60
N GLY B 17 -3.45 -14.61 -38.00
CA GLY B 17 -4.10 -13.67 -37.12
C GLY B 17 -5.44 -14.18 -36.65
N LEU B 18 -6.40 -13.27 -36.57
CA LEU B 18 -7.74 -13.61 -36.16
C LEU B 18 -8.76 -13.30 -37.26
N HIS B 19 -9.92 -13.91 -37.13
CA HIS B 19 -11.04 -13.70 -38.03
C HIS B 19 -11.51 -12.25 -37.87
N PRO B 20 -12.32 -11.72 -38.80
CA PRO B 20 -12.90 -10.39 -38.56
C PRO B 20 -13.74 -10.32 -37.31
N THR B 21 -14.69 -11.22 -37.13
CA THR B 21 -15.26 -11.40 -35.81
C THR B 21 -14.29 -12.19 -34.96
N GLN B 22 -14.60 -12.33 -33.68
CA GLN B 22 -13.75 -12.95 -32.66
C GLN B 22 -12.35 -12.34 -32.61
N ALA B 23 -12.18 -11.11 -33.09
CA ALA B 23 -10.95 -10.36 -32.94
C ALA B 23 -11.19 -9.14 -32.07
N PRO B 24 -10.41 -8.94 -31.03
CA PRO B 24 -10.70 -7.84 -30.10
C PRO B 24 -10.54 -6.45 -30.68
N THR B 25 -9.46 -6.17 -31.41
CA THR B 25 -9.30 -4.86 -32.02
C THR B 25 -8.98 -5.01 -33.49
N HIS B 26 -8.86 -3.85 -34.15
CA HIS B 26 -8.61 -3.83 -35.59
C HIS B 26 -7.20 -4.31 -35.90
N LEU B 27 -6.27 -4.13 -34.97
CA LEU B 27 -4.89 -4.52 -35.19
C LEU B 27 -4.66 -6.01 -35.04
N SER B 28 -5.64 -6.78 -34.60
CA SER B 28 -5.47 -8.21 -34.41
C SER B 28 -6.04 -9.04 -35.56
N VAL B 29 -6.80 -8.42 -36.47
CA VAL B 29 -7.30 -9.13 -37.63
C VAL B 29 -6.12 -9.52 -38.52
N ASP B 30 -6.24 -10.67 -39.18
CA ASP B 30 -5.19 -11.12 -40.07
C ASP B 30 -5.09 -10.21 -41.30
N THR B 31 -4.04 -10.42 -42.09
CA THR B 31 -3.79 -9.56 -43.24
C THR B 31 -4.77 -9.87 -44.37
N LYS B 32 -5.35 -11.08 -44.36
CA LYS B 32 -6.23 -11.48 -45.46
C LYS B 32 -7.53 -10.69 -45.45
N PHE B 33 -7.92 -10.12 -44.31
CA PHE B 33 -9.19 -9.42 -44.21
C PHE B 33 -9.05 -7.91 -44.14
N LYS B 34 -7.88 -7.39 -43.77
CA LYS B 34 -7.74 -5.98 -43.46
C LYS B 34 -7.52 -5.21 -44.75
N THR B 35 -8.53 -4.44 -45.17
CA THR B 35 -8.46 -3.65 -46.40
C THR B 35 -9.00 -2.25 -46.14
N GLU B 36 -8.11 -1.26 -46.17
CA GLU B 36 -8.44 0.16 -46.05
C GLU B 36 -9.21 0.43 -44.75
N GLY B 37 -8.64 -0.04 -43.65
CA GLY B 37 -9.20 0.19 -42.33
C GLY B 37 -10.59 -0.36 -42.09
N LEU B 38 -11.13 -1.11 -43.03
CA LEU B 38 -12.47 -1.68 -42.91
C LEU B 38 -12.38 -3.14 -43.30
N CYS B 39 -12.47 -4.03 -42.33
CA CYS B 39 -12.28 -5.45 -42.59
C CYS B 39 -13.42 -6.01 -43.43
N VAL B 40 -13.09 -6.97 -44.28
CA VAL B 40 -14.02 -7.55 -45.24
C VAL B 40 -14.31 -8.98 -44.81
N ASP B 41 -15.57 -9.39 -44.95
CA ASP B 41 -16.02 -10.73 -44.59
C ASP B 41 -15.82 -11.67 -45.78
N ILE B 42 -14.66 -12.34 -45.81
CA ILE B 42 -14.43 -13.33 -46.84
C ILE B 42 -15.20 -14.60 -46.49
N PRO B 43 -16.19 -15.01 -47.28
CA PRO B 43 -16.92 -16.24 -46.96
C PRO B 43 -16.10 -17.50 -47.12
N GLY B 44 -14.97 -17.43 -47.83
CA GLY B 44 -14.11 -18.58 -48.03
C GLY B 44 -13.36 -18.99 -46.76
N ILE B 45 -12.69 -18.03 -46.13
CA ILE B 45 -11.93 -18.34 -44.92
C ILE B 45 -12.90 -18.54 -43.76
N PRO B 46 -12.97 -19.72 -43.17
CA PRO B 46 -13.83 -19.89 -41.99
C PRO B 46 -13.16 -19.32 -40.76
N LYS B 47 -13.85 -19.34 -39.62
CA LYS B 47 -13.31 -18.80 -38.39
C LYS B 47 -12.75 -19.92 -37.53
N ASP B 48 -11.72 -19.59 -36.76
CA ASP B 48 -11.14 -20.55 -35.84
C ASP B 48 -12.14 -20.89 -34.75
N MET B 49 -12.26 -22.17 -34.44
CA MET B 49 -13.14 -22.64 -33.37
C MET B 49 -12.33 -23.23 -32.22
N THR B 50 -11.08 -23.60 -32.48
CA THR B 50 -10.19 -24.08 -31.43
C THR B 50 -8.85 -23.36 -31.52
N TYR B 51 -8.61 -22.44 -30.60
CA TYR B 51 -7.35 -21.73 -30.52
C TYR B 51 -7.21 -21.14 -29.13
N ARG B 52 -5.98 -20.95 -28.69
CA ARG B 52 -5.78 -20.34 -27.38
C ARG B 52 -4.64 -19.38 -27.55
N ARG B 53 -4.80 -18.15 -27.15
CA ARG B 53 -3.83 -17.07 -27.30
C ARG B 53 -3.59 -16.39 -25.96
N LEU B 54 -2.35 -16.42 -25.49
CA LEU B 54 -2.03 -15.86 -24.18
C LEU B 54 -1.96 -14.35 -24.29
N ILE B 55 -3.01 -13.68 -23.80
CA ILE B 55 -3.00 -12.23 -23.74
C ILE B 55 -2.05 -11.77 -22.63
N SER B 56 -1.30 -10.71 -22.89
CA SER B 56 -0.28 -10.20 -21.99
C SER B 56 -0.84 -9.00 -21.23
N MET B 57 -1.07 -9.17 -19.93
CA MET B 57 -1.57 -8.07 -19.11
C MET B 57 -0.41 -7.22 -18.58
N MET B 58 0.37 -6.66 -19.50
CA MET B 58 1.57 -5.92 -19.12
C MET B 58 1.49 -4.52 -19.69
N GLY B 59 1.68 -3.54 -18.84
CA GLY B 59 1.59 -2.16 -19.23
C GLY B 59 0.31 -1.44 -18.82
N PHE B 60 -0.34 -1.87 -17.76
CA PHE B 60 -1.52 -1.16 -17.27
C PHE B 60 -1.16 0.28 -16.95
N LYS B 61 -2.04 1.20 -17.30
CA LYS B 61 -1.84 2.62 -17.02
C LYS B 61 -3.03 3.13 -16.22
N MET B 62 -2.86 3.25 -14.92
CA MET B 62 -3.93 3.71 -14.03
C MET B 62 -3.84 5.23 -13.87
N ASN B 63 -4.13 5.94 -14.95
CA ASN B 63 -4.18 7.40 -14.94
C ASN B 63 -5.59 7.92 -15.13
N TYR B 64 -6.58 7.10 -14.82
CA TYR B 64 -7.98 7.48 -15.04
C TYR B 64 -8.40 8.55 -14.04
N GLN B 65 -9.36 9.37 -14.45
CA GLN B 65 -10.07 10.25 -13.54
C GLN B 65 -11.57 10.08 -13.74
N VAL B 66 -12.20 9.34 -12.83
CA VAL B 66 -13.64 9.15 -12.85
C VAL B 66 -14.18 9.75 -11.55
N ASN B 67 -15.43 10.17 -11.55
CA ASN B 67 -15.95 10.98 -10.45
C ASN B 67 -16.03 10.22 -9.13
N GLY B 68 -16.70 9.06 -9.13
CA GLY B 68 -16.94 8.38 -7.86
C GLY B 68 -15.81 7.46 -7.47
N TYR B 69 -14.94 7.12 -8.42
CA TYR B 69 -13.95 6.07 -8.23
C TYR B 69 -12.65 6.66 -7.71
N PRO B 70 -12.14 6.18 -6.58
CA PRO B 70 -10.88 6.72 -6.07
C PRO B 70 -9.71 6.26 -6.90
N ASN B 71 -8.65 7.06 -6.89
CA ASN B 71 -7.44 6.74 -7.62
C ASN B 71 -6.60 5.74 -6.85
N MET B 72 -6.00 4.80 -7.56
CA MET B 72 -5.04 3.89 -6.95
C MET B 72 -3.81 4.65 -6.48
N PHE B 73 -3.09 5.28 -7.40
CA PHE B 73 -1.81 5.89 -7.06
C PHE B 73 -2.03 7.14 -6.23
N ILE B 74 -1.17 7.36 -5.26
CA ILE B 74 -1.32 8.49 -4.36
C ILE B 74 -0.06 9.34 -4.40
N THR B 75 -0.22 10.58 -3.94
CA THR B 75 0.88 11.52 -3.86
C THR B 75 1.61 11.38 -2.53
N ARG B 76 2.91 11.66 -2.54
CA ARG B 76 3.72 11.32 -1.36
C ARG B 76 3.56 12.36 -0.25
N GLU B 77 2.58 13.24 -0.37
CA GLU B 77 2.08 13.98 0.78
C GLU B 77 0.79 13.40 1.30
N GLU B 78 0.24 12.39 0.63
CA GLU B 78 -0.92 11.64 1.11
C GLU B 78 -0.53 10.20 1.45
N ALA B 79 0.69 9.80 1.12
CA ALA B 79 1.24 8.54 1.56
C ALA B 79 2.04 8.66 2.84
N ILE B 80 2.55 9.85 3.15
CA ILE B 80 3.17 10.08 4.45
C ILE B 80 2.11 10.19 5.52
N ARG B 81 0.90 10.63 5.15
CA ARG B 81 -0.19 10.67 6.09
C ARG B 81 -0.76 9.29 6.39
N HIS B 82 -0.65 8.33 5.47
CA HIS B 82 -0.97 6.93 5.75
C HIS B 82 0.36 6.17 5.75
N VAL B 83 0.96 6.04 6.93
CA VAL B 83 2.20 5.29 7.08
C VAL B 83 1.98 4.02 7.86
N ARG B 84 0.82 3.88 8.49
CA ARG B 84 0.50 2.63 9.14
C ARG B 84 0.02 1.58 8.16
N ALA B 85 -0.21 1.95 6.91
CA ALA B 85 -0.83 1.07 5.94
C ALA B 85 0.11 0.83 4.77
N TRP B 86 1.41 0.94 5.01
CA TRP B 86 2.40 0.65 3.98
C TRP B 86 2.72 -0.83 4.01
N ILE B 87 2.55 -1.50 2.88
CA ILE B 87 2.90 -2.89 2.73
C ILE B 87 3.71 -2.97 1.45
N GLY B 88 5.02 -3.14 1.58
CA GLY B 88 5.86 -3.27 0.41
C GLY B 88 5.45 -4.44 -0.45
N PHE B 89 5.83 -4.37 -1.72
CA PHE B 89 5.35 -5.37 -2.66
C PHE B 89 6.39 -5.53 -3.76
N ASP B 90 6.85 -6.75 -3.96
CA ASP B 90 7.71 -7.05 -5.08
C ASP B 90 7.34 -8.41 -5.63
N VAL B 91 7.29 -8.51 -6.95
CA VAL B 91 6.81 -9.69 -7.66
C VAL B 91 7.90 -10.21 -8.55
N GLU B 92 8.27 -11.47 -8.39
CA GLU B 92 9.14 -12.14 -9.32
C GLU B 92 8.30 -12.86 -10.36
N GLY B 93 8.80 -12.90 -11.58
CA GLY B 93 8.04 -13.43 -12.69
C GLY B 93 8.70 -14.66 -13.29
N CYS B 94 7.94 -15.32 -14.15
CA CYS B 94 8.45 -16.40 -14.96
C CYS B 94 8.01 -16.16 -16.40
N HIS B 95 8.91 -16.41 -17.35
CA HIS B 95 8.64 -16.11 -18.74
C HIS B 95 7.91 -17.27 -19.40
N ALA B 96 7.00 -16.96 -20.31
CA ALA B 96 6.28 -17.99 -21.03
C ALA B 96 7.14 -18.55 -22.16
N THR B 97 7.40 -19.86 -22.12
CA THR B 97 8.27 -20.46 -23.12
C THR B 97 7.58 -21.34 -24.17
N ARG B 98 6.56 -22.10 -23.79
CA ARG B 98 5.97 -23.03 -24.73
C ARG B 98 4.64 -22.51 -25.23
N GLU B 99 4.50 -22.49 -26.55
CA GLU B 99 3.25 -22.14 -27.24
C GLU B 99 2.82 -20.71 -26.95
N ALA B 100 3.67 -19.93 -26.29
CA ALA B 100 3.45 -18.52 -26.02
C ALA B 100 4.77 -17.93 -25.59
N VAL B 101 5.12 -16.77 -26.16
CA VAL B 101 6.36 -16.07 -25.84
C VAL B 101 6.03 -14.60 -25.83
N GLY B 102 6.52 -13.88 -24.81
CA GLY B 102 6.35 -12.44 -24.83
C GLY B 102 5.70 -11.81 -23.63
N THR B 103 5.39 -12.57 -22.59
CA THR B 103 4.79 -11.99 -21.39
C THR B 103 5.35 -12.69 -20.18
N ASN B 104 5.56 -11.99 -19.08
CA ASN B 104 6.03 -12.61 -17.84
C ASN B 104 4.85 -12.91 -16.86
N LEU B 105 4.35 -14.15 -16.78
CA LEU B 105 3.26 -14.50 -15.80
C LEU B 105 3.82 -14.41 -14.36
N PRO B 106 3.06 -14.06 -13.28
CA PRO B 106 3.71 -13.92 -11.97
C PRO B 106 4.08 -15.21 -11.25
N LEU B 107 5.30 -15.44 -10.67
CA LEU B 107 5.57 -16.69 -9.97
C LEU B 107 5.58 -16.49 -8.46
N GLN B 108 6.29 -15.46 -8.00
CA GLN B 108 6.53 -15.31 -6.57
C GLN B 108 6.15 -13.92 -6.09
N LEU B 109 5.19 -13.83 -5.19
CA LEU B 109 4.76 -12.55 -4.66
C LEU B 109 5.34 -12.39 -3.27
N GLY B 110 5.74 -11.18 -2.91
CA GLY B 110 6.30 -10.98 -1.60
C GLY B 110 5.91 -9.65 -0.99
N PHE B 111 5.66 -9.62 0.29
CA PHE B 111 5.17 -8.43 0.93
C PHE B 111 6.13 -7.96 2.01
N SER B 112 5.86 -6.78 2.57
CA SER B 112 6.64 -6.32 3.71
C SER B 112 6.30 -7.09 4.97
N THR B 113 5.26 -7.91 4.92
CA THR B 113 4.92 -8.70 6.09
C THR B 113 5.99 -9.76 6.30
N GLY B 114 6.60 -10.21 5.21
CA GLY B 114 7.62 -11.23 5.28
C GLY B 114 7.14 -12.55 4.72
N VAL B 115 6.09 -12.52 3.90
CA VAL B 115 5.43 -13.72 3.43
C VAL B 115 5.63 -13.85 1.93
N ASN B 116 6.32 -14.90 1.52
CA ASN B 116 6.48 -15.26 0.12
C ASN B 116 5.34 -16.18 -0.26
N LEU B 117 4.66 -15.87 -1.35
CA LEU B 117 3.58 -16.70 -1.88
C LEU B 117 3.99 -17.14 -3.28
N VAL B 118 4.27 -18.42 -3.44
CA VAL B 118 4.51 -18.92 -4.77
C VAL B 118 3.17 -19.19 -5.45
N ALA B 119 3.10 -18.89 -6.74
CA ALA B 119 1.90 -19.19 -7.51
C ALA B 119 2.31 -19.99 -8.73
N VAL B 120 1.37 -20.76 -9.26
CA VAL B 120 1.61 -21.46 -10.51
C VAL B 120 1.63 -20.41 -11.61
N PRO B 121 2.34 -20.62 -12.71
CA PRO B 121 2.26 -19.64 -13.79
C PRO B 121 0.88 -19.66 -14.44
N THR B 122 0.15 -18.56 -14.35
CA THR B 122 -1.24 -18.53 -14.77
C THR B 122 -1.52 -17.26 -15.54
N GLY B 123 -2.11 -17.40 -16.71
CA GLY B 123 -2.30 -16.26 -17.57
C GLY B 123 -3.67 -16.29 -18.20
N TYR B 124 -3.98 -15.20 -18.88
CA TYR B 124 -5.31 -14.97 -19.42
C TYR B 124 -5.33 -15.42 -20.88
N VAL B 125 -5.76 -16.65 -21.09
CA VAL B 125 -5.74 -17.26 -22.43
C VAL B 125 -7.09 -17.04 -23.09
N ASP B 126 -7.10 -16.35 -24.22
CA ASP B 126 -8.34 -15.87 -24.83
C ASP B 126 -8.87 -16.91 -25.81
N THR B 127 -9.77 -17.75 -25.35
CA THR B 127 -10.39 -18.81 -26.14
C THR B 127 -11.43 -18.19 -27.08
N PRO B 128 -12.05 -18.97 -27.97
CA PRO B 128 -13.11 -18.41 -28.82
C PRO B 128 -14.32 -17.86 -28.08
N ASN B 129 -14.69 -18.40 -26.93
CA ASN B 129 -15.95 -18.01 -26.30
C ASN B 129 -15.78 -17.16 -25.04
N ASN B 130 -14.59 -17.10 -24.48
CA ASN B 130 -14.39 -16.38 -23.22
C ASN B 130 -12.92 -16.09 -23.03
N THR B 131 -12.55 -15.49 -21.90
CA THR B 131 -11.14 -15.35 -21.52
C THR B 131 -10.89 -16.35 -20.40
N ASP B 132 -10.27 -17.46 -20.76
CA ASP B 132 -10.05 -18.62 -19.91
C ASP B 132 -8.79 -18.40 -19.09
N PHE B 133 -8.95 -17.88 -17.87
CA PHE B 133 -7.84 -17.72 -16.96
C PHE B 133 -7.33 -19.08 -16.54
N SER B 134 -6.13 -19.43 -16.97
CA SER B 134 -5.71 -20.82 -16.80
C SER B 134 -4.20 -20.90 -16.84
N ARG B 135 -3.70 -22.09 -16.52
CA ARG B 135 -2.26 -22.32 -16.45
C ARG B 135 -1.65 -22.32 -17.85
N VAL B 136 -0.58 -21.55 -18.01
CA VAL B 136 0.21 -21.55 -19.22
C VAL B 136 1.55 -22.18 -18.90
N SER B 137 2.28 -22.55 -19.95
CA SER B 137 3.60 -23.11 -19.79
C SER B 137 4.62 -22.00 -19.67
N ALA B 138 5.60 -22.20 -18.80
CA ALA B 138 6.51 -21.13 -18.46
C ALA B 138 7.91 -21.68 -18.22
N LYS B 139 8.91 -20.81 -18.35
CA LYS B 139 10.27 -21.09 -17.96
C LYS B 139 10.73 -20.02 -16.97
N PRO B 140 11.53 -20.37 -15.97
CA PRO B 140 12.00 -19.37 -15.04
C PRO B 140 13.06 -18.50 -15.69
N PRO B 141 13.35 -17.32 -15.14
CA PRO B 141 14.23 -16.38 -15.84
C PRO B 141 15.63 -16.94 -16.02
N PRO B 142 16.37 -16.46 -17.01
CA PRO B 142 17.71 -17.00 -17.27
C PRO B 142 18.81 -16.31 -16.49
N GLY B 143 19.83 -17.06 -16.12
CA GLY B 143 21.00 -16.50 -15.49
C GLY B 143 21.20 -17.09 -14.11
N ASP B 144 22.40 -16.88 -13.56
CA ASP B 144 22.68 -17.28 -12.20
C ASP B 144 22.23 -16.22 -11.20
N GLN B 145 21.75 -15.07 -11.66
CA GLN B 145 21.09 -14.13 -10.78
C GLN B 145 19.74 -14.68 -10.30
N PHE B 146 19.01 -15.37 -11.19
CA PHE B 146 17.78 -16.07 -10.83
C PHE B 146 18.06 -17.56 -10.91
N LYS B 147 18.38 -18.17 -9.78
CA LYS B 147 18.49 -19.62 -9.73
C LYS B 147 17.59 -20.21 -8.66
N HIS B 148 17.03 -19.38 -7.78
CA HIS B 148 16.08 -19.82 -6.78
C HIS B 148 14.66 -19.76 -7.28
N LEU B 149 14.45 -19.49 -8.56
CA LEU B 149 13.16 -19.69 -9.22
C LEU B 149 13.18 -20.93 -10.08
N ILE B 150 14.28 -21.68 -10.07
CA ILE B 150 14.36 -22.96 -10.75
C ILE B 150 13.51 -24.00 -10.02
N PRO B 151 13.56 -24.14 -8.70
CA PRO B 151 12.66 -25.11 -8.08
C PRO B 151 11.24 -24.59 -7.90
N LEU B 152 11.03 -23.28 -7.87
CA LEU B 152 9.72 -22.74 -7.50
C LEU B 152 8.69 -23.00 -8.58
N MET B 153 9.11 -23.16 -9.84
CA MET B 153 8.14 -23.44 -10.88
C MET B 153 7.61 -24.85 -10.84
N TYR B 154 8.13 -25.70 -9.95
CA TYR B 154 7.62 -27.05 -9.76
C TYR B 154 6.81 -27.19 -8.48
N LYS B 155 6.35 -26.06 -7.93
CA LYS B 155 5.53 -26.02 -6.74
C LYS B 155 4.72 -24.73 -6.78
N GLY B 156 3.92 -24.50 -5.76
CA GLY B 156 3.07 -23.32 -5.71
C GLY B 156 1.61 -23.69 -5.61
N LEU B 157 0.79 -22.66 -5.61
CA LEU B 157 -0.63 -22.89 -5.43
C LEU B 157 -1.41 -22.20 -6.54
N PRO B 158 -2.61 -22.66 -6.86
CA PRO B 158 -3.41 -21.97 -7.88
C PRO B 158 -3.81 -20.59 -7.39
N TRP B 159 -4.24 -19.75 -8.32
CA TRP B 159 -4.55 -18.37 -7.98
C TRP B 159 -5.90 -18.19 -7.33
N ASN B 160 -6.59 -19.25 -6.96
CA ASN B 160 -7.73 -19.08 -6.07
C ASN B 160 -7.40 -19.55 -4.66
N VAL B 161 -6.14 -19.88 -4.39
CA VAL B 161 -5.62 -20.06 -3.05
C VAL B 161 -4.54 -19.05 -2.72
N VAL B 162 -3.95 -18.40 -3.71
CA VAL B 162 -3.02 -17.31 -3.51
C VAL B 162 -3.75 -15.98 -3.66
N ARG B 163 -5.08 -16.02 -3.79
CA ARG B 163 -5.88 -14.82 -3.67
C ARG B 163 -6.48 -14.69 -2.29
N ILE B 164 -6.58 -15.77 -1.54
CA ILE B 164 -7.14 -15.74 -0.20
C ILE B 164 -6.07 -15.75 0.86
N LYS B 165 -4.83 -16.07 0.51
CA LYS B 165 -3.72 -15.90 1.43
C LYS B 165 -3.03 -14.55 1.24
N ILE B 166 -3.64 -13.66 0.45
CA ILE B 166 -3.25 -12.25 0.38
C ILE B 166 -4.23 -11.38 1.14
N VAL B 167 -5.43 -11.86 1.38
CA VAL B 167 -6.43 -11.12 2.13
C VAL B 167 -6.54 -11.75 3.50
N GLN B 168 -5.69 -12.75 3.77
CA GLN B 168 -5.52 -13.25 5.11
C GLN B 168 -4.23 -12.78 5.74
N MET B 169 -3.28 -12.29 4.95
CA MET B 169 -2.05 -11.71 5.45
C MET B 169 -2.18 -10.20 5.61
N LEU B 170 -2.72 -9.53 4.60
CA LEU B 170 -3.00 -8.11 4.70
C LEU B 170 -4.00 -7.83 5.81
N SER B 171 -5.00 -8.70 5.95
CA SER B 171 -6.02 -8.45 6.96
C SER B 171 -5.51 -8.72 8.36
N ASP B 172 -4.49 -9.56 8.49
CA ASP B 172 -3.95 -9.81 9.83
C ASP B 172 -2.86 -8.81 10.18
N THR B 173 -2.21 -8.24 9.17
CA THR B 173 -1.26 -7.16 9.45
C THR B 173 -1.99 -5.85 9.74
N LEU B 174 -2.85 -5.42 8.83
CA LEU B 174 -3.52 -4.12 8.90
C LEU B 174 -4.87 -4.17 9.58
N LYS B 175 -5.12 -5.20 10.40
CA LYS B 175 -6.37 -5.26 11.15
C LYS B 175 -6.51 -4.08 12.09
N ASN B 176 -5.41 -3.69 12.72
CA ASN B 176 -5.42 -2.69 13.79
C ASN B 176 -4.62 -1.45 13.43
N LEU B 177 -3.85 -1.48 12.34
CA LEU B 177 -3.06 -0.33 11.94
C LEU B 177 -3.89 0.70 11.21
N SER B 178 -4.57 0.32 10.15
CA SER B 178 -5.26 1.29 9.31
C SER B 178 -6.45 0.61 8.65
N ASP B 179 -7.19 1.36 7.82
CA ASP B 179 -8.34 0.80 7.11
C ASP B 179 -8.17 0.88 5.60
N ARG B 180 -6.94 1.02 5.12
CA ARG B 180 -6.62 0.93 3.70
C ARG B 180 -5.27 0.25 3.61
N VAL B 181 -4.78 0.08 2.40
CA VAL B 181 -3.48 -0.56 2.18
C VAL B 181 -2.74 0.24 1.11
N VAL B 182 -1.50 0.62 1.41
CA VAL B 182 -0.70 1.39 0.48
C VAL B 182 0.47 0.51 0.05
N PHE B 183 0.36 -0.07 -1.14
CA PHE B 183 1.36 -1.01 -1.65
C PHE B 183 2.56 -0.22 -2.11
N VAL B 184 3.64 -0.22 -1.33
CA VAL B 184 4.83 0.51 -1.74
C VAL B 184 5.62 -0.33 -2.73
N LEU B 185 5.65 0.09 -3.98
CA LEU B 185 6.25 -0.66 -5.08
C LEU B 185 7.55 -0.02 -5.50
N TRP B 186 8.49 -0.83 -5.97
CA TRP B 186 9.71 -0.27 -6.54
C TRP B 186 9.49 0.16 -7.99
N ALA B 187 9.05 -0.76 -8.83
CA ALA B 187 8.77 -0.47 -10.22
C ALA B 187 7.38 -0.99 -10.53
N HIS B 188 6.41 -0.08 -10.64
CA HIS B 188 5.02 -0.47 -10.75
C HIS B 188 4.70 -1.24 -12.02
N GLY B 189 5.64 -1.32 -12.97
CA GLY B 189 5.33 -1.89 -14.27
C GLY B 189 4.93 -3.35 -14.19
N PHE B 190 5.61 -4.12 -13.34
CA PHE B 190 5.23 -5.51 -13.16
C PHE B 190 4.37 -5.73 -11.94
N ALA B 191 4.42 -4.84 -10.96
CA ALA B 191 3.52 -4.99 -9.81
C ALA B 191 2.08 -4.79 -10.22
N LEU B 192 1.80 -3.86 -11.14
CA LEU B 192 0.44 -3.73 -11.66
C LEU B 192 0.01 -4.96 -12.44
N THR B 193 0.86 -5.48 -13.30
CA THR B 193 0.59 -6.74 -13.99
C THR B 193 0.27 -7.87 -13.02
N SER B 194 0.95 -7.92 -11.88
CA SER B 194 0.67 -8.90 -10.85
C SER B 194 -0.44 -8.49 -9.91
N MET B 195 -1.05 -7.32 -10.12
CA MET B 195 -2.21 -6.94 -9.35
C MET B 195 -3.51 -7.05 -10.13
N LYS B 196 -3.45 -7.33 -11.43
CA LYS B 196 -4.65 -7.75 -12.14
C LYS B 196 -5.24 -9.00 -11.52
N TYR B 197 -4.42 -9.82 -10.87
CA TYR B 197 -4.83 -11.13 -10.40
C TYR B 197 -5.56 -11.10 -9.07
N PHE B 198 -5.26 -10.16 -8.17
CA PHE B 198 -5.94 -10.17 -6.87
C PHE B 198 -6.52 -8.82 -6.45
N VAL B 199 -6.74 -7.89 -7.37
CA VAL B 199 -7.27 -6.57 -7.00
C VAL B 199 -8.47 -6.23 -7.85
N LYS B 200 -9.56 -5.78 -7.20
CA LYS B 200 -10.75 -5.24 -7.86
C LYS B 200 -11.00 -3.84 -7.32
N ILE B 201 -10.59 -2.83 -8.07
CA ILE B 201 -11.00 -1.47 -7.73
C ILE B 201 -12.46 -1.27 -8.08
N GLY B 202 -13.10 -0.32 -7.42
CA GLY B 202 -14.48 -0.02 -7.67
C GLY B 202 -14.89 1.24 -6.96
N PRO B 203 -16.17 1.58 -7.01
CA PRO B 203 -16.63 2.80 -6.33
C PRO B 203 -16.43 2.68 -4.83
N GLU B 204 -16.35 3.83 -4.17
CA GLU B 204 -16.05 3.83 -2.74
C GLU B 204 -17.22 3.24 -1.97
N ARG B 205 -17.01 2.08 -1.37
CA ARG B 205 -18.07 1.28 -0.78
C ARG B 205 -17.86 1.18 0.73
N THR B 206 -18.84 0.59 1.41
CA THR B 206 -18.84 0.50 2.86
C THR B 206 -19.09 -0.94 3.27
N CYS B 207 -18.42 -1.41 4.31
CA CYS B 207 -18.45 -2.81 4.75
C CYS B 207 -19.87 -3.34 5.03
N CYS B 208 -20.15 -4.59 4.70
CA CYS B 208 -21.36 -5.30 5.12
C CYS B 208 -21.27 -5.71 6.59
N LEU B 209 -22.40 -5.81 7.29
CA LEU B 209 -22.50 -6.20 8.71
C LEU B 209 -21.72 -5.29 9.69
N CYS B 210 -21.44 -4.04 9.33
CA CYS B 210 -20.39 -3.19 9.91
C CYS B 210 -20.55 -1.71 9.47
N ASP B 211 -19.55 -0.85 9.70
CA ASP B 211 -19.57 0.57 9.28
C ASP B 211 -18.21 1.14 8.80
N ARG B 212 -17.17 0.29 8.72
CA ARG B 212 -15.82 0.73 8.28
C ARG B 212 -15.68 0.71 6.76
N ARG B 213 -14.65 1.32 6.21
CA ARG B 213 -14.44 1.31 4.77
C ARG B 213 -14.32 -0.11 4.27
N ALA B 214 -14.83 -0.34 3.06
CA ALA B 214 -14.86 -1.66 2.46
C ALA B 214 -13.58 -1.88 1.68
N THR B 215 -12.76 -2.81 2.14
CA THR B 215 -11.45 -3.01 1.54
C THR B 215 -11.24 -4.43 1.04
N CYS B 216 -12.20 -5.33 1.19
CA CYS B 216 -12.04 -6.70 0.73
C CYS B 216 -13.29 -7.12 -0.01
N PHE B 217 -13.12 -7.60 -1.23
CA PHE B 217 -14.24 -8.04 -2.04
C PHE B 217 -14.33 -9.57 -2.01
N SER B 218 -15.54 -10.10 -2.09
CA SER B 218 -15.72 -11.54 -2.18
C SER B 218 -16.46 -11.88 -3.46
N THR B 219 -15.82 -12.63 -4.35
CA THR B 219 -16.45 -12.88 -5.64
C THR B 219 -17.51 -13.96 -5.55
N ALA B 220 -17.35 -14.93 -4.65
CA ALA B 220 -18.34 -15.99 -4.49
C ALA B 220 -19.66 -15.43 -3.99
N SER B 221 -19.65 -14.80 -2.82
CA SER B 221 -20.80 -14.07 -2.34
C SER B 221 -20.56 -12.58 -2.49
N ASP B 222 -21.36 -11.92 -3.34
CA ASP B 222 -20.96 -10.62 -3.86
C ASP B 222 -21.13 -9.53 -2.82
N THR B 223 -20.22 -9.49 -1.85
CA THR B 223 -20.23 -8.48 -0.82
C THR B 223 -18.83 -7.97 -0.56
N TYR B 224 -18.76 -6.96 0.31
CA TYR B 224 -17.53 -6.28 0.67
C TYR B 224 -17.32 -6.39 2.17
N ALA B 225 -16.10 -6.18 2.62
CA ALA B 225 -15.73 -6.27 4.02
C ALA B 225 -14.63 -5.27 4.33
N CYS B 226 -14.56 -4.76 5.55
CA CYS B 226 -13.38 -4.10 6.08
C CYS B 226 -12.33 -5.14 6.46
N TRP B 227 -11.23 -4.71 7.05
CA TRP B 227 -10.12 -5.62 7.31
C TRP B 227 -10.39 -6.57 8.45
N HIS B 228 -11.45 -6.39 9.24
CA HIS B 228 -11.82 -7.29 10.35
C HIS B 228 -12.68 -8.48 9.90
N HIS B 229 -13.71 -8.20 9.08
CA HIS B 229 -14.71 -9.18 8.65
C HIS B 229 -14.31 -9.98 7.41
N SER B 230 -13.09 -9.82 6.90
CA SER B 230 -12.67 -10.47 5.67
C SER B 230 -12.11 -11.86 5.97
N ILE B 231 -13.02 -12.76 6.31
CA ILE B 231 -12.71 -14.18 6.41
C ILE B 231 -13.35 -14.87 5.21
N GLY B 232 -12.51 -15.33 4.29
CA GLY B 232 -12.99 -15.95 3.08
C GLY B 232 -13.14 -15.00 1.90
N PHE B 233 -12.93 -13.71 2.09
CA PHE B 233 -13.01 -12.76 0.99
C PHE B 233 -11.69 -12.76 0.24
N ASP B 234 -11.77 -12.86 -1.09
CA ASP B 234 -10.57 -13.16 -1.85
C ASP B 234 -9.98 -11.97 -2.61
N TYR B 235 -10.80 -11.05 -3.11
CA TYR B 235 -10.23 -9.97 -3.90
C TYR B 235 -10.03 -8.73 -3.04
N VAL B 236 -8.80 -8.21 -3.05
CA VAL B 236 -8.54 -6.95 -2.39
C VAL B 236 -9.26 -5.83 -3.12
N TYR B 237 -10.15 -5.14 -2.41
CA TYR B 237 -10.83 -3.96 -2.92
C TYR B 237 -9.85 -2.80 -2.86
N ASN B 238 -10.29 -1.58 -3.16
CA ASN B 238 -9.41 -0.47 -3.54
C ASN B 238 -8.15 -0.42 -2.70
N PRO B 239 -7.00 -0.80 -3.25
CA PRO B 239 -5.75 -0.54 -2.57
C PRO B 239 -5.27 0.81 -3.00
N PHE B 240 -4.19 1.29 -2.43
CA PHE B 240 -3.53 2.44 -3.00
C PHE B 240 -2.09 2.01 -3.22
N MET B 241 -1.46 2.49 -4.28
CA MET B 241 -0.07 2.11 -4.43
C MET B 241 0.78 3.34 -4.65
N ILE B 242 2.08 3.12 -4.68
CA ILE B 242 3.04 4.20 -4.77
C ILE B 242 4.32 3.63 -5.34
N ASP B 243 4.97 4.39 -6.21
CA ASP B 243 6.16 3.92 -6.90
C ASP B 243 7.34 4.72 -6.36
N VAL B 244 8.33 4.02 -5.83
CA VAL B 244 9.46 4.66 -5.17
C VAL B 244 10.49 5.08 -6.22
N GLN B 245 10.51 4.41 -7.36
CA GLN B 245 11.41 4.79 -8.44
C GLN B 245 11.02 6.10 -9.09
N GLN B 246 9.79 6.56 -8.92
CA GLN B 246 9.36 7.85 -9.45
C GLN B 246 9.60 8.98 -8.45
N TRP B 247 10.49 8.76 -7.49
CA TRP B 247 10.96 9.81 -6.59
C TRP B 247 12.35 10.28 -6.95
N GLY B 248 12.73 10.12 -8.22
CA GLY B 248 14.05 10.50 -8.66
C GLY B 248 15.16 9.60 -8.14
N PHE B 249 15.09 8.31 -8.45
CA PHE B 249 16.11 7.35 -8.07
C PHE B 249 16.75 6.78 -9.31
N THR B 250 18.08 6.79 -9.33
CA THR B 250 18.86 6.28 -10.45
C THR B 250 19.69 5.11 -9.97
N GLY B 251 19.33 3.92 -10.36
CA GLY B 251 20.13 2.74 -10.05
C GLY B 251 19.26 1.59 -9.59
N ASN B 252 19.94 0.51 -9.24
CA ASN B 252 19.31 -0.71 -8.79
C ASN B 252 18.61 -0.49 -7.45
N LEU B 253 17.86 -1.50 -7.01
CA LEU B 253 17.26 -1.40 -5.68
C LEU B 253 18.29 -1.66 -4.60
N GLN B 254 19.11 -2.69 -4.75
CA GLN B 254 20.13 -2.96 -3.75
C GLN B 254 21.28 -1.97 -3.83
N SER B 255 21.33 -1.11 -4.84
CA SER B 255 22.29 -0.02 -4.89
C SER B 255 21.66 1.30 -4.52
N ASN B 256 20.40 1.28 -4.08
CA ASN B 256 19.78 2.45 -3.47
C ASN B 256 19.32 2.23 -2.05
N HIS B 257 19.12 0.98 -1.63
CA HIS B 257 18.85 0.62 -0.25
C HIS B 257 20.15 0.53 0.56
N ASP B 258 21.21 -0.04 -0.02
CA ASP B 258 22.44 -0.34 0.72
C ASP B 258 23.26 0.90 1.03
N LEU B 259 22.79 2.08 0.65
CA LEU B 259 23.40 3.34 1.07
C LEU B 259 22.80 3.87 2.36
N TYR B 260 21.68 3.31 2.80
CA TYR B 260 21.01 3.80 4.00
C TYR B 260 20.94 2.72 5.07
N CYS B 261 21.00 1.45 4.70
CA CYS B 261 20.70 0.35 5.60
C CYS B 261 21.65 -0.82 5.37
N GLN B 262 22.23 -1.36 6.44
CA GLN B 262 23.10 -2.53 6.38
C GLN B 262 22.51 -3.71 7.11
N VAL B 263 21.19 -3.75 7.31
CA VAL B 263 20.48 -4.83 8.02
C VAL B 263 19.76 -5.78 7.05
N HIS B 264 18.95 -5.26 6.13
CA HIS B 264 18.29 -6.05 5.09
C HIS B 264 19.30 -6.52 4.02
N GLY B 265 18.90 -7.47 3.17
CA GLY B 265 19.76 -8.03 2.15
C GLY B 265 19.04 -9.09 1.37
N ASN B 266 19.82 -9.92 0.67
CA ASN B 266 19.31 -11.06 -0.09
C ASN B 266 18.26 -10.62 -1.12
N ALA B 267 18.67 -9.71 -1.99
CA ALA B 267 17.77 -9.15 -2.98
C ALA B 267 17.37 -10.21 -4.01
N HIS B 268 16.36 -9.86 -4.81
CA HIS B 268 15.75 -10.68 -5.86
C HIS B 268 15.04 -11.91 -5.31
N VAL B 269 14.86 -11.97 -4.00
CA VAL B 269 13.80 -12.78 -3.40
C VAL B 269 12.67 -11.81 -3.10
N ALA B 270 11.43 -12.24 -3.28
CA ALA B 270 10.32 -11.30 -3.23
C ALA B 270 10.15 -10.69 -1.84
N SER B 271 10.24 -11.51 -0.79
CA SER B 271 10.06 -10.97 0.56
C SER B 271 11.21 -10.10 1.00
N CYS B 272 12.35 -10.12 0.32
CA CYS B 272 13.46 -9.26 0.69
C CYS B 272 13.70 -8.13 -0.31
N ASP B 273 12.91 -8.06 -1.37
CA ASP B 273 12.81 -6.82 -2.12
C ASP B 273 11.62 -6.00 -1.68
N ALA B 274 10.55 -6.64 -1.22
CA ALA B 274 9.44 -5.87 -0.71
C ALA B 274 9.72 -5.28 0.65
N ILE B 275 10.73 -5.77 1.35
CA ILE B 275 11.16 -5.15 2.60
C ILE B 275 12.07 -3.97 2.35
N MET B 276 13.02 -4.09 1.42
CA MET B 276 13.87 -3.00 0.98
C MET B 276 13.08 -1.88 0.34
N THR B 277 12.03 -2.17 -0.41
CA THR B 277 11.24 -1.13 -1.06
C THR B 277 10.49 -0.28 -0.03
N ARG B 278 10.15 -0.87 1.11
CA ARG B 278 9.51 -0.10 2.16
C ARG B 278 10.54 0.56 3.06
N CYS B 279 11.70 -0.07 3.29
CA CYS B 279 12.83 0.51 4.02
C CYS B 279 13.30 1.80 3.36
N LEU B 280 13.54 1.78 2.06
CA LEU B 280 13.91 2.95 1.28
C LEU B 280 12.83 4.03 1.27
N ALA B 281 11.56 3.65 1.31
CA ALA B 281 10.48 4.63 1.30
C ALA B 281 10.11 5.14 2.67
N VAL B 282 10.51 4.47 3.74
CA VAL B 282 10.41 5.04 5.07
C VAL B 282 11.58 5.99 5.31
N HIS B 283 12.77 5.64 4.83
CA HIS B 283 13.93 6.52 4.95
C HIS B 283 13.69 7.84 4.24
N GLU B 284 13.34 7.81 2.96
CA GLU B 284 13.19 9.01 2.16
C GLU B 284 12.04 9.90 2.59
N CYS B 285 11.24 9.47 3.55
CA CYS B 285 10.15 10.34 4.00
C CYS B 285 10.26 10.72 5.48
N PHE B 286 10.93 9.90 6.29
CA PHE B 286 10.86 10.10 7.73
C PHE B 286 12.21 10.25 8.43
N VAL B 287 13.31 9.82 7.82
CA VAL B 287 14.56 9.79 8.57
C VAL B 287 15.22 11.16 8.55
N LYS B 288 14.74 12.07 7.70
CA LYS B 288 15.32 13.41 7.63
C LYS B 288 15.09 14.17 8.93
N ARG B 289 13.82 14.39 9.28
CA ARG B 289 13.46 15.08 10.50
C ARG B 289 11.98 14.85 10.78
N VAL B 290 11.58 14.91 12.06
CA VAL B 290 10.17 14.76 12.40
C VAL B 290 9.40 15.97 11.89
N ASP B 291 8.25 15.72 11.27
CA ASP B 291 7.42 16.77 10.72
C ASP B 291 6.27 17.03 11.68
N TRP B 292 6.25 18.21 12.29
CA TRP B 292 5.31 18.47 13.37
C TRP B 292 3.95 18.94 12.87
N THR B 293 3.72 18.95 11.56
CA THR B 293 2.45 19.45 11.05
C THR B 293 1.44 18.33 10.81
N ILE B 294 1.91 17.11 10.60
CA ILE B 294 1.05 16.01 10.15
C ILE B 294 0.64 15.21 11.37
N GLU B 295 -0.57 15.47 11.87
CA GLU B 295 -1.10 14.69 12.97
C GLU B 295 -1.48 13.30 12.49
N TYR B 296 -1.76 12.42 13.45
CA TYR B 296 -2.12 11.05 13.10
C TYR B 296 -3.30 10.59 13.94
N PRO B 297 -4.12 9.67 13.43
CA PRO B 297 -5.25 9.17 14.20
C PRO B 297 -4.85 8.45 15.48
N ILE B 298 -5.83 8.19 16.34
CA ILE B 298 -5.60 7.57 17.64
C ILE B 298 -5.96 6.10 17.57
N ILE B 299 -4.95 5.24 17.40
CA ILE B 299 -5.22 3.81 17.35
C ILE B 299 -5.60 3.30 18.74
N GLY B 300 -4.69 3.43 19.70
CA GLY B 300 -5.01 3.09 21.07
C GLY B 300 -3.90 3.48 22.02
N ASP B 301 -4.29 3.93 23.22
CA ASP B 301 -3.39 4.39 24.28
C ASP B 301 -2.55 5.60 23.89
N GLU B 302 -2.92 6.31 22.83
CA GLU B 302 -2.14 7.49 22.44
C GLU B 302 -2.31 8.61 23.46
N LEU B 303 -3.48 8.72 24.06
CA LEU B 303 -3.70 9.75 25.07
C LEU B 303 -3.02 9.37 26.38
N LYS B 304 -3.03 8.08 26.72
CA LYS B 304 -2.52 7.66 28.02
C LYS B 304 -1.00 7.60 28.02
N ILE B 305 -0.40 7.10 26.93
CA ILE B 305 1.05 6.92 26.88
C ILE B 305 1.75 8.28 26.92
N ASN B 306 1.25 9.23 26.14
CA ASN B 306 1.89 10.54 26.06
C ASN B 306 1.76 11.30 27.38
N ALA B 307 0.57 11.26 27.99
CA ALA B 307 0.38 11.93 29.26
C ALA B 307 1.18 11.26 30.36
N ALA B 308 1.34 9.94 30.29
CA ALA B 308 2.17 9.24 31.26
C ALA B 308 3.64 9.62 31.09
N CYS B 309 4.10 9.75 29.85
CA CYS B 309 5.47 10.21 29.62
C CYS B 309 5.68 11.61 30.15
N ARG B 310 4.72 12.51 29.92
CA ARG B 310 4.82 13.85 30.49
C ARG B 310 4.82 13.83 32.00
N LYS B 311 4.04 12.93 32.61
CA LYS B 311 4.00 12.83 34.07
C LYS B 311 5.33 12.34 34.63
N VAL B 312 5.91 11.32 34.02
CA VAL B 312 7.15 10.75 34.55
C VAL B 312 8.33 11.67 34.23
N GLN B 313 8.25 12.39 33.11
CA GLN B 313 9.33 13.31 32.77
C GLN B 313 9.29 14.54 33.66
N HIS B 314 8.10 14.98 34.05
CA HIS B 314 8.00 16.04 35.05
C HIS B 314 8.57 15.58 36.38
N MET B 315 8.49 14.28 36.67
CA MET B 315 8.95 13.78 37.95
C MET B 315 10.47 13.58 37.98
N VAL B 316 11.00 12.84 37.02
CA VAL B 316 12.40 12.44 37.09
C VAL B 316 13.32 13.64 36.96
N VAL B 317 12.95 14.61 36.14
CA VAL B 317 13.77 15.80 35.96
C VAL B 317 13.78 16.62 37.24
N LYS B 318 12.59 16.87 37.81
CA LYS B 318 12.51 17.64 39.04
C LYS B 318 13.18 16.91 40.19
N ALA B 319 13.05 15.58 40.23
CA ALA B 319 13.68 14.80 41.30
C ALA B 319 15.21 14.90 41.21
N ALA B 320 15.75 14.73 40.01
CA ALA B 320 17.21 14.79 39.86
C ALA B 320 17.72 16.20 40.08
N LEU B 321 16.92 17.23 39.76
CA LEU B 321 17.37 18.60 40.00
C LEU B 321 17.34 18.94 41.48
N LEU B 322 16.27 18.57 42.17
CA LEU B 322 16.17 18.91 43.59
C LEU B 322 17.09 18.03 44.42
N ALA B 323 17.49 16.88 43.88
CA ALA B 323 18.34 15.96 44.63
C ALA B 323 19.82 16.27 44.49
N ASP B 324 20.30 16.66 43.32
CA ASP B 324 21.72 16.87 43.09
C ASP B 324 22.09 18.33 42.93
N LYS B 325 21.11 19.23 42.78
CA LYS B 325 21.32 20.68 42.77
C LYS B 325 22.29 21.10 41.66
N PHE B 326 21.97 20.70 40.44
CA PHE B 326 22.80 21.09 39.31
C PHE B 326 22.64 22.59 39.05
N PRO B 327 23.72 23.32 38.83
CA PRO B 327 23.62 24.78 38.68
C PRO B 327 22.86 25.19 37.43
N VAL B 328 23.18 24.55 36.31
CA VAL B 328 22.54 24.82 35.03
C VAL B 328 22.07 23.48 34.47
N LEU B 329 20.97 23.52 33.72
CA LEU B 329 20.46 22.32 33.07
C LEU B 329 20.26 22.59 31.59
N HIS B 330 20.91 21.79 30.75
CA HIS B 330 20.76 21.94 29.31
C HIS B 330 19.49 21.26 28.83
N ASP B 331 19.21 21.38 27.54
CA ASP B 331 18.10 20.68 26.92
C ASP B 331 18.47 20.49 25.46
N ILE B 332 18.16 19.33 24.93
CA ILE B 332 18.48 19.00 23.54
C ILE B 332 17.26 18.34 22.93
N GLY B 333 16.97 18.68 21.67
CA GLY B 333 15.88 18.06 20.97
C GLY B 333 14.50 18.53 21.35
N ASN B 334 14.38 19.49 22.28
CA ASN B 334 13.06 20.00 22.65
C ASN B 334 12.65 21.01 21.58
N PRO B 335 11.69 20.65 20.73
CA PRO B 335 11.37 21.50 19.55
C PRO B 335 10.88 22.89 19.93
N LYS B 336 9.84 22.93 20.76
CA LYS B 336 9.44 24.18 21.38
C LYS B 336 10.27 24.41 22.63
N ALA B 337 10.02 25.53 23.29
CA ALA B 337 10.55 25.74 24.63
C ALA B 337 9.39 25.58 25.59
N ILE B 338 9.26 24.37 26.12
CA ILE B 338 8.22 24.04 27.10
C ILE B 338 8.91 23.48 28.31
N LYS B 339 8.96 24.26 29.39
CA LYS B 339 9.71 23.89 30.58
C LYS B 339 9.00 22.74 31.27
N CYS B 340 9.67 21.59 31.36
CA CYS B 340 9.10 20.44 32.04
C CYS B 340 8.88 20.74 33.51
N VAL B 341 9.93 21.19 34.20
CA VAL B 341 9.76 21.72 35.55
C VAL B 341 9.99 23.23 35.50
N PRO B 342 8.92 24.02 35.36
CA PRO B 342 9.12 25.47 35.27
C PRO B 342 9.47 26.09 36.59
N GLN B 343 9.05 25.49 37.70
CA GLN B 343 9.30 26.05 39.03
C GLN B 343 10.65 25.54 39.54
N ALA B 344 11.71 26.00 38.87
CA ALA B 344 13.06 25.59 39.19
C ALA B 344 13.97 26.81 39.20
N ASP B 345 15.20 26.60 39.64
CA ASP B 345 16.19 27.67 39.72
C ASP B 345 17.23 27.60 38.61
N VAL B 346 17.34 26.48 37.91
CA VAL B 346 18.34 26.28 36.87
C VAL B 346 18.03 27.15 35.66
N GLU B 347 19.05 27.47 34.87
CA GLU B 347 18.88 28.24 33.64
C GLU B 347 18.70 27.25 32.50
N TRP B 348 17.55 27.31 31.84
CA TRP B 348 17.15 26.30 30.86
C TRP B 348 17.66 26.67 29.47
N LYS B 349 18.93 26.35 29.22
CA LYS B 349 19.47 26.54 27.88
C LYS B 349 18.85 25.55 26.91
N PHE B 350 18.04 26.03 25.99
CA PHE B 350 17.37 25.17 25.01
C PHE B 350 18.29 24.97 23.81
N TYR B 351 19.23 24.04 23.96
CA TYR B 351 20.14 23.71 22.86
C TYR B 351 19.41 22.78 21.90
N ASP B 352 18.42 23.34 21.20
CA ASP B 352 17.61 22.59 20.27
C ASP B 352 18.42 22.18 19.05
N ALA B 353 17.88 21.22 18.30
CA ALA B 353 18.51 20.81 17.05
C ALA B 353 18.39 21.89 15.99
N GLN B 354 17.17 22.37 15.76
CA GLN B 354 16.91 23.46 14.85
C GLN B 354 15.79 24.33 15.40
N PRO B 355 15.79 25.63 15.11
CA PRO B 355 14.68 26.49 15.53
C PRO B 355 13.41 26.12 14.78
N CYS B 356 12.35 25.85 15.54
CA CYS B 356 11.10 25.38 14.94
C CYS B 356 9.98 26.38 15.17
N SER B 357 9.76 27.23 14.17
CA SER B 357 8.59 28.09 13.99
C SER B 357 8.40 29.13 15.11
N ASP B 358 9.40 29.31 15.97
CA ASP B 358 9.31 30.35 17.00
C ASP B 358 10.70 30.63 17.56
N LYS B 359 10.95 31.91 17.81
CA LYS B 359 12.12 32.37 18.55
C LYS B 359 11.71 33.22 19.75
N ALA B 360 10.48 33.00 20.24
CA ALA B 360 9.96 33.80 21.34
C ALA B 360 10.70 33.54 22.64
N TYR B 361 11.36 32.38 22.74
CA TYR B 361 12.07 31.98 23.95
C TYR B 361 13.57 31.85 23.72
N LYS B 362 14.02 32.19 22.50
CA LYS B 362 15.42 32.15 22.11
C LYS B 362 16.03 30.77 22.36
N ILE B 363 15.44 29.79 21.70
CA ILE B 363 15.99 28.43 21.69
C ILE B 363 17.26 28.43 20.83
N GLU B 364 18.35 27.91 21.39
CA GLU B 364 19.61 27.88 20.68
C GLU B 364 19.61 26.74 19.67
N GLU B 365 20.47 26.87 18.66
CA GLU B 365 20.61 25.85 17.62
C GLU B 365 21.95 25.15 17.78
N LEU B 366 21.89 23.84 17.99
CA LEU B 366 23.11 23.04 18.12
C LEU B 366 22.78 21.59 17.81
N PHE B 367 23.67 20.95 17.07
CA PHE B 367 23.58 19.54 16.76
C PHE B 367 24.57 18.79 17.63
N TYR B 368 24.20 17.57 18.02
CA TYR B 368 25.02 16.78 18.94
C TYR B 368 25.55 15.54 18.23
N SER B 369 26.84 15.27 18.42
CA SER B 369 27.48 14.02 18.04
C SER B 369 28.53 13.71 19.10
N TYR B 370 28.80 12.41 19.28
CA TYR B 370 29.61 11.99 20.42
C TYR B 370 31.05 12.46 20.29
N ALA B 371 31.68 12.18 19.15
CA ALA B 371 33.09 12.53 18.99
C ALA B 371 33.28 14.04 18.85
N THR B 372 32.22 14.76 18.51
CA THR B 372 32.33 16.21 18.38
C THR B 372 32.20 16.89 19.74
N HIS B 373 31.15 16.55 20.49
CA HIS B 373 30.76 17.32 21.68
C HIS B 373 30.91 16.50 22.96
N SER B 374 31.88 15.58 22.99
CA SER B 374 32.08 14.79 24.21
C SER B 374 32.56 15.65 25.37
N ASP B 375 33.26 16.73 25.08
CA ASP B 375 33.78 17.63 26.11
C ASP B 375 33.30 19.07 25.93
N LYS B 376 32.16 19.27 25.28
CA LYS B 376 31.63 20.62 25.13
C LYS B 376 30.74 21.00 26.30
N PHE B 377 29.82 20.12 26.68
CA PHE B 377 28.94 20.34 27.83
C PHE B 377 29.54 19.58 29.02
N THR B 378 30.09 20.34 29.97
CA THR B 378 30.67 19.77 31.18
C THR B 378 29.92 20.25 32.42
N ASP B 379 29.15 21.33 32.28
CA ASP B 379 28.47 21.97 33.40
C ASP B 379 27.05 21.46 33.53
N GLY B 380 26.70 20.98 34.72
CA GLY B 380 25.32 20.64 34.99
C GLY B 380 24.93 19.27 34.46
N VAL B 381 23.75 19.22 33.84
CA VAL B 381 23.18 17.98 33.33
C VAL B 381 22.35 18.32 32.11
N CYS B 382 22.37 17.44 31.11
CA CYS B 382 21.75 17.70 29.82
C CYS B 382 20.62 16.72 29.57
N LEU B 383 19.39 17.23 29.48
CA LEU B 383 18.20 16.40 29.36
C LEU B 383 17.99 16.03 27.89
N PHE B 384 18.47 14.85 27.51
CA PHE B 384 18.28 14.35 26.15
C PHE B 384 16.96 13.60 26.02
N TRP B 385 15.86 14.31 26.22
CA TRP B 385 14.58 13.62 26.16
C TRP B 385 14.19 13.34 24.72
N ASN B 386 14.12 12.05 24.39
CA ASN B 386 13.75 11.56 23.06
C ASN B 386 14.69 12.09 22.00
N CYS B 387 15.99 12.11 22.29
CA CYS B 387 17.00 12.44 21.30
C CYS B 387 17.57 11.16 20.70
N ASN B 388 18.22 11.32 19.54
CA ASN B 388 18.58 10.19 18.70
C ASN B 388 20.09 10.18 18.44
N VAL B 389 20.85 10.80 19.33
CA VAL B 389 22.29 10.94 19.15
C VAL B 389 22.95 9.57 19.31
N ASP B 390 24.14 9.41 18.70
CA ASP B 390 24.82 8.12 18.67
C ASP B 390 25.23 7.66 20.07
N ARG B 391 25.80 8.55 20.87
CA ARG B 391 26.19 8.21 22.22
C ARG B 391 25.98 9.40 23.14
N TYR B 392 25.62 9.12 24.38
CA TYR B 392 25.27 10.16 25.32
C TYR B 392 26.43 10.44 26.28
N PRO B 393 26.60 11.70 26.69
CA PRO B 393 27.68 12.03 27.63
C PRO B 393 27.43 11.50 29.03
N ALA B 394 28.39 11.72 29.93
CA ALA B 394 28.40 11.09 31.25
C ALA B 394 27.49 11.80 32.25
N ASN B 395 26.92 12.94 31.89
CA ASN B 395 25.92 13.62 32.73
C ASN B 395 24.69 13.95 31.89
N SER B 396 23.64 13.15 32.06
CA SER B 396 22.42 13.30 31.29
C SER B 396 21.27 12.54 31.94
N ILE B 397 20.06 12.87 31.49
CA ILE B 397 18.86 12.13 31.84
C ILE B 397 18.22 11.71 30.53
N VAL B 398 18.42 10.47 30.14
CA VAL B 398 18.07 10.07 28.79
C VAL B 398 16.80 9.24 28.80
N CYS B 399 15.95 9.45 27.79
CA CYS B 399 14.80 8.59 27.54
C CYS B 399 14.83 8.22 26.08
N ARG B 400 15.23 7.00 25.79
CA ARG B 400 15.38 6.53 24.42
C ARG B 400 14.37 5.42 24.16
N PHE B 401 13.77 5.46 22.99
CA PHE B 401 12.79 4.43 22.64
C PHE B 401 13.52 3.16 22.21
N ASP B 402 13.24 2.08 22.93
CA ASP B 402 13.87 0.78 22.66
C ASP B 402 13.18 0.20 21.44
N THR B 403 13.86 0.26 20.30
CA THR B 403 13.25 -0.03 19.01
C THR B 403 13.14 -1.51 18.71
N ARG B 404 13.42 -2.38 19.68
CA ARG B 404 13.27 -3.80 19.49
C ARG B 404 11.92 -4.31 19.98
N VAL B 405 11.09 -3.43 20.53
CA VAL B 405 9.76 -3.79 20.98
C VAL B 405 8.78 -3.54 19.85
N LEU B 406 7.95 -4.54 19.57
CA LEU B 406 7.00 -4.51 18.46
C LEU B 406 5.59 -4.30 19.00
N SER B 407 4.87 -3.34 18.43
CA SER B 407 3.49 -3.06 18.80
C SER B 407 2.80 -2.50 17.57
N ASN B 408 1.51 -2.18 17.72
CA ASN B 408 0.79 -1.54 16.63
C ASN B 408 1.20 -0.08 16.47
N LEU B 409 1.92 0.48 17.45
CA LEU B 409 2.49 1.80 17.28
C LEU B 409 3.81 1.74 16.53
N ASN B 410 4.70 0.85 16.94
CA ASN B 410 6.09 0.84 16.53
C ASN B 410 6.26 0.07 15.22
N LEU B 411 6.01 0.77 14.12
CA LEU B 411 6.15 0.15 12.81
C LEU B 411 7.63 -0.07 12.48
N PRO B 412 7.96 -1.10 11.71
CA PRO B 412 9.36 -1.30 11.32
C PRO B 412 9.83 -0.21 10.36
N GLY B 413 11.13 0.06 10.41
CA GLY B 413 11.71 1.19 9.71
C GLY B 413 13.07 0.90 9.15
N CYS B 414 13.82 1.96 8.82
CA CYS B 414 15.12 1.91 8.15
C CYS B 414 16.31 1.68 9.10
N ASP B 415 17.34 0.98 8.62
CA ASP B 415 18.60 0.71 9.34
C ASP B 415 18.42 0.04 10.71
N GLY B 416 17.41 -0.81 10.84
CA GLY B 416 17.03 -1.45 12.12
C GLY B 416 16.29 -0.54 13.10
N GLY B 417 16.38 0.80 12.99
CA GLY B 417 15.54 1.70 13.73
C GLY B 417 14.12 1.64 13.23
N SER B 418 13.20 2.16 14.02
CA SER B 418 11.80 1.98 13.70
C SER B 418 11.03 3.27 13.80
N LEU B 419 9.84 3.26 13.19
CA LEU B 419 8.97 4.42 13.07
C LEU B 419 7.92 4.32 14.16
N TYR B 420 8.04 5.13 15.21
CA TYR B 420 7.09 5.12 16.31
C TYR B 420 6.05 6.19 16.00
N VAL B 421 4.94 5.79 15.39
CA VAL B 421 3.94 6.74 14.92
C VAL B 421 2.90 6.89 16.02
N ASN B 422 3.07 7.89 16.87
CA ASN B 422 2.13 8.19 17.95
C ASN B 422 1.90 9.69 17.92
N LYS B 423 0.76 10.10 17.37
CA LYS B 423 0.32 11.48 17.20
C LYS B 423 1.31 12.34 16.43
N HIS B 424 2.36 11.74 15.86
CA HIS B 424 3.44 12.30 15.08
C HIS B 424 4.25 11.10 14.63
N ALA B 425 5.19 11.31 13.72
CA ALA B 425 6.03 10.22 13.22
C ALA B 425 7.49 10.44 13.61
N PHE B 426 8.01 9.57 14.48
CA PHE B 426 9.39 9.66 14.93
C PHE B 426 10.15 8.45 14.45
N HIS B 427 11.14 8.65 13.59
CA HIS B 427 11.97 7.55 13.10
C HIS B 427 13.20 7.36 13.98
N THR B 428 13.00 6.67 15.10
CA THR B 428 14.09 6.55 16.07
C THR B 428 15.08 5.48 15.61
N PRO B 429 16.37 5.70 15.76
CA PRO B 429 17.37 4.73 15.28
C PRO B 429 17.46 3.52 16.20
N ALA B 430 18.34 2.61 15.81
CA ALA B 430 18.46 1.34 16.50
C ALA B 430 18.94 1.54 17.94
N PHE B 431 18.36 0.75 18.84
CA PHE B 431 18.71 0.78 20.25
C PHE B 431 19.93 -0.10 20.46
N ASP B 432 21.10 0.51 20.58
CA ASP B 432 22.34 -0.21 20.80
C ASP B 432 22.84 0.06 22.20
N LYS B 433 23.51 -0.93 22.79
CA LYS B 433 24.07 -0.75 24.13
C LYS B 433 25.22 0.24 24.13
N SER B 434 25.88 0.42 22.99
CA SER B 434 27.04 1.31 22.91
C SER B 434 26.69 2.76 23.23
N ALA B 435 25.41 3.12 23.16
CA ALA B 435 25.01 4.49 23.47
C ALA B 435 25.08 4.74 24.97
N PHE B 436 24.96 3.69 25.78
CA PHE B 436 24.80 3.83 27.22
C PHE B 436 26.02 3.38 28.01
N VAL B 437 27.22 3.52 27.45
CA VAL B 437 28.44 3.10 28.14
C VAL B 437 28.83 4.12 29.20
N ASN B 438 28.21 5.30 29.16
CA ASN B 438 28.45 6.33 30.16
C ASN B 438 27.30 6.47 31.15
N LEU B 439 26.29 5.61 31.07
CA LEU B 439 25.08 5.75 31.86
C LEU B 439 24.78 4.44 32.58
N LYS B 440 23.78 4.51 33.45
CA LYS B 440 23.21 3.35 34.12
C LYS B 440 21.70 3.42 34.00
N GLN B 441 21.04 2.35 34.45
CA GLN B 441 19.59 2.36 34.45
C GLN B 441 19.07 3.27 35.57
N LEU B 442 17.78 3.55 35.52
CA LEU B 442 17.14 4.39 36.52
C LEU B 442 16.25 3.54 37.41
N PRO B 443 16.38 3.65 38.73
CA PRO B 443 15.44 2.97 39.63
C PRO B 443 14.06 3.60 39.53
N PHE B 444 13.07 2.86 40.02
CA PHE B 444 11.70 3.34 40.07
C PHE B 444 11.44 3.95 41.44
N PHE B 445 10.92 5.17 41.46
CA PHE B 445 10.73 5.91 42.71
C PHE B 445 9.78 7.07 42.48
N TYR B 446 9.21 7.57 43.58
CA TYR B 446 8.28 8.70 43.52
C TYR B 446 8.65 9.66 44.63
N TYR B 447 8.83 10.93 44.28
CA TYR B 447 9.30 11.95 45.21
C TYR B 447 8.44 13.19 45.09
N SER B 448 7.89 13.65 46.21
CA SER B 448 6.99 14.79 46.19
C SER B 448 7.20 15.62 47.46
N ASP B 449 7.14 16.94 47.31
CA ASP B 449 7.20 17.86 48.43
C ASP B 449 5.82 18.26 48.93
N SER B 450 4.77 17.64 48.43
CA SER B 450 3.44 17.96 48.87
C SER B 450 3.25 17.50 50.32
N PRO B 451 2.77 18.37 51.21
CA PRO B 451 2.47 17.94 52.58
C PRO B 451 1.33 16.93 52.58
N CYS B 452 1.47 15.97 53.49
CA CYS B 452 0.56 14.88 53.71
C CYS B 452 -0.77 15.30 54.36
N GLU B 453 -1.89 14.83 53.82
CA GLU B 453 -3.21 14.90 54.48
C GLU B 453 -3.57 13.57 55.15
N SER B 454 -4.60 13.61 55.99
CA SER B 454 -5.15 12.50 56.77
C SER B 454 -6.04 11.61 55.90
N TYR B 465 -8.93 0.42 50.27
CA TYR B 465 -7.58 0.85 50.65
C TYR B 465 -6.79 -0.31 51.23
N VAL B 466 -5.55 -0.45 50.77
CA VAL B 466 -4.61 -1.42 51.32
C VAL B 466 -3.35 -0.68 51.76
N PRO B 467 -2.86 -0.89 52.97
CA PRO B 467 -1.60 -0.26 53.37
C PRO B 467 -0.43 -0.81 52.56
N LEU B 468 0.34 0.09 51.97
CA LEU B 468 1.43 -0.28 51.08
C LEU B 468 2.75 0.18 51.67
N LYS B 469 3.70 -0.75 51.79
CA LYS B 469 5.04 -0.47 52.34
C LYS B 469 6.05 -0.81 51.24
N SER B 470 6.59 0.22 50.60
CA SER B 470 7.60 0.07 49.57
C SER B 470 8.65 1.15 49.75
N ALA B 471 9.93 0.75 49.79
CA ALA B 471 11.00 1.71 50.00
C ALA B 471 11.24 2.57 48.76
N THR B 472 10.63 2.21 47.63
CA THR B 472 10.82 2.99 46.41
C THR B 472 10.16 4.36 46.51
N CYS B 473 8.97 4.42 47.12
CA CYS B 473 8.30 5.71 47.29
C CYS B 473 9.06 6.55 48.32
N ILE B 474 9.27 7.81 47.96
CA ILE B 474 10.08 8.75 48.76
C ILE B 474 9.13 9.81 49.27
N THR B 475 8.54 9.60 50.45
CA THR B 475 7.69 10.58 51.12
C THR B 475 7.78 10.34 52.63
N ARG B 476 7.69 11.39 53.45
CA ARG B 476 7.75 11.23 54.91
C ARG B 476 6.59 10.41 55.45
N CYS B 477 5.49 10.19 54.73
CA CYS B 477 4.40 9.37 55.29
C CYS B 477 4.73 7.86 55.22
N ASN B 478 5.27 7.36 54.10
CA ASN B 478 5.66 5.95 54.02
C ASN B 478 6.90 5.59 54.87
N LEU B 479 7.65 6.60 55.34
CA LEU B 479 8.76 6.42 56.26
C LEU B 479 8.27 6.17 57.67
N GLY B 480 7.11 6.71 58.03
CA GLY B 480 6.50 6.46 59.31
C GLY B 480 5.76 5.14 59.35
N GLY B 481 4.94 4.97 60.38
CA GLY B 481 4.20 3.74 60.53
C GLY B 481 2.99 3.65 59.63
N ALA B 482 2.30 4.76 59.43
CA ALA B 482 1.07 4.80 58.65
C ALA B 482 1.30 5.54 57.34
N VAL B 483 0.92 4.90 56.25
CA VAL B 483 0.99 5.47 54.90
C VAL B 483 -0.38 6.07 54.59
N CYS B 484 -0.38 7.37 54.29
CA CYS B 484 -1.62 8.11 54.10
C CYS B 484 -2.31 7.73 52.78
N ARG B 485 -3.61 8.00 52.73
CA ARG B 485 -4.39 7.73 51.52
C ARG B 485 -4.26 8.89 50.53
N HIS B 486 -3.65 10.01 50.95
CA HIS B 486 -3.31 11.18 50.14
C HIS B 486 -2.07 10.96 49.24
N HIS B 487 -1.33 9.86 49.45
CA HIS B 487 -0.17 9.50 48.63
C HIS B 487 -0.21 8.05 48.10
N ALA B 488 -1.07 7.16 48.61
CA ALA B 488 -1.11 5.79 48.08
C ALA B 488 -1.63 5.77 46.66
N ASN B 489 -2.70 6.54 46.38
CA ASN B 489 -3.22 6.61 45.02
C ASN B 489 -2.25 7.33 44.10
N GLU B 490 -1.48 8.29 44.63
CA GLU B 490 -0.43 8.92 43.85
C GLU B 490 0.63 7.90 43.44
N TYR B 491 1.07 7.07 44.39
CA TYR B 491 2.08 6.07 44.08
C TYR B 491 1.53 5.04 43.09
N ARG B 492 0.26 4.68 43.22
CA ARG B 492 -0.31 3.70 42.30
C ARG B 492 -0.49 4.28 40.91
N LEU B 493 -0.89 5.55 40.81
CA LEU B 493 -0.98 6.21 39.53
C LEU B 493 0.39 6.32 38.87
N TYR B 494 1.41 6.64 39.66
CA TYR B 494 2.76 6.76 39.11
C TYR B 494 3.29 5.40 38.67
N LEU B 495 3.01 4.35 39.43
CA LEU B 495 3.39 3.00 39.02
C LEU B 495 2.68 2.59 37.74
N ASP B 496 1.39 2.93 37.61
CA ASP B 496 0.65 2.62 36.40
C ASP B 496 1.25 3.35 35.20
N ALA B 497 1.58 4.64 35.37
CA ALA B 497 2.21 5.40 34.30
C ALA B 497 3.56 4.81 33.91
N TYR B 498 4.34 4.40 34.90
CA TYR B 498 5.66 3.84 34.65
C TYR B 498 5.58 2.52 33.91
N ASN B 499 4.66 1.64 34.32
CA ASN B 499 4.53 0.35 33.65
C ASN B 499 3.94 0.52 32.25
N MET B 500 3.02 1.46 32.07
CA MET B 500 2.51 1.72 30.73
C MET B 500 3.60 2.29 29.83
N MET B 501 4.50 3.08 30.41
CA MET B 501 5.63 3.61 29.64
C MET B 501 6.57 2.49 29.21
N ILE B 502 6.97 1.64 30.17
CA ILE B 502 7.86 0.53 29.85
C ILE B 502 7.22 -0.44 28.88
N SER B 503 5.91 -0.66 28.97
CA SER B 503 5.21 -1.49 28.00
C SER B 503 5.20 -0.82 26.63
N ALA B 504 5.16 0.52 26.61
CA ALA B 504 5.15 1.22 25.33
C ALA B 504 6.49 1.10 24.61
N GLY B 505 7.57 0.92 25.36
CA GLY B 505 8.86 0.67 24.74
C GLY B 505 9.98 1.62 25.09
N PHE B 506 9.71 2.65 25.88
CA PHE B 506 10.78 3.57 26.27
C PHE B 506 11.72 2.90 27.25
N SER B 507 12.90 3.48 27.44
CA SER B 507 13.85 2.99 28.43
C SER B 507 14.59 4.17 29.04
N LEU B 508 14.40 4.38 30.35
CA LEU B 508 15.04 5.50 31.01
C LEU B 508 16.48 5.17 31.39
N TRP B 509 17.36 6.17 31.27
CA TRP B 509 18.75 6.03 31.63
C TRP B 509 19.20 7.29 32.35
N VAL B 510 20.24 7.15 33.18
CA VAL B 510 20.65 8.27 34.02
C VAL B 510 22.16 8.21 34.20
N TYR B 511 22.75 9.28 34.74
CA TYR B 511 24.19 9.33 34.90
C TYR B 511 24.65 8.40 36.02
N LYS B 512 25.97 8.28 36.15
CA LYS B 512 26.55 7.31 37.06
C LYS B 512 26.32 7.68 38.52
N GLN B 513 26.50 8.95 38.88
CA GLN B 513 26.47 9.37 40.27
C GLN B 513 25.06 9.60 40.80
N PHE B 514 24.02 9.16 40.07
CA PHE B 514 22.66 9.29 40.56
C PHE B 514 22.45 8.40 41.79
N ASP B 515 22.09 9.02 42.91
CA ASP B 515 21.90 8.33 44.18
C ASP B 515 20.49 8.58 44.67
N THR B 516 19.73 7.49 44.86
CA THR B 516 18.35 7.65 45.32
C THR B 516 18.29 8.08 46.78
N TYR B 517 19.35 7.82 47.54
CA TYR B 517 19.40 8.28 48.93
C TYR B 517 19.68 9.77 49.02
N ASN B 518 20.15 10.39 47.92
CA ASN B 518 20.36 11.82 47.91
C ASN B 518 19.03 12.56 48.00
N LEU B 519 17.94 11.90 47.59
CA LEU B 519 16.63 12.52 47.68
C LEU B 519 16.16 12.60 49.13
N TRP B 520 16.64 11.69 49.98
CA TRP B 520 16.14 11.63 51.35
C TRP B 520 16.59 12.83 52.18
N ASN B 521 17.83 13.30 51.97
CA ASN B 521 18.34 14.39 52.81
C ASN B 521 17.66 15.71 52.47
N THR B 522 16.91 15.76 51.36
CA THR B 522 16.12 16.94 51.04
C THR B 522 15.03 17.16 52.08
N PHE B 523 14.49 16.08 52.65
CA PHE B 523 13.47 16.17 53.69
C PHE B 523 14.04 16.75 54.97
ZN ZN E . -17.86 -11.05 -25.14
ZN ZN F . -39.72 -7.03 -31.59
MG MG G . 12.69 -8.27 -7.31
MG MG H . 11.34 -5.57 -8.05
ZN ZN I . -16.56 -5.04 9.10
ZN ZN J . 16.82 -1.70 4.85
ZN ZN K . 1.42 11.08 52.59
#